data_3W7H
#
_entry.id   3W7H
#
_cell.length_a   67.908
_cell.length_b   71.720
_cell.length_c   129.111
_cell.angle_alpha   90.000
_cell.angle_beta   90.000
_cell.angle_gamma   90.000
#
_symmetry.space_group_name_H-M   'P 21 21 21'
#
loop_
_entity.id
_entity.type
_entity.pdbx_description
1 polymer 'Dihydroorotate dehydrogenase (fumarate)'
2 non-polymer '5-[2-(naphthalen-2-yl)ethyl]-2,6-dioxo-1,2,3,6-tetrahydropyrimidine-4-carboxylic acid'
3 non-polymer GLYCEROL
4 non-polymer 'FLAVIN MONONUCLEOTIDE'
5 non-polymer 'COBALT HEXAMMINE(III)'
6 water water
#
_entity_poly.entity_id   1
_entity_poly.type   'polypeptide(L)'
_entity_poly.pdbx_seq_one_letter_code
;MCLKLNLLDHVFANPFMNAAGVLCSTEEDLRCMTASSSGALVSKSCTSAPRDGNPEPRYMAFPLGSINSMGLPNLGFDFY
LKYASDLHDYSKKPLFLSISGLSVEENVAMVRRLAPVAQEKGVLLELNLSCPNVPGKPQVAYDFEAMRTYLQQVSLAYGL
PFGVKMPPYFDIAHFDTAAAVLNEFPLVKFVTCVNSVGNGLVIDAESESVVIKPKQGFGGLGGKYILPTALANVNAFYRR
CPDKLVFGCGGVYSGEDAFLHILAGASMVQVGTALQEEGPGIFTRLEDELLEIMARKGYRTLEEFRGRVKTIE
;
_entity_poly.pdbx_strand_id   A,B
#
loop_
_chem_comp.id
_chem_comp.type
_chem_comp.name
_chem_comp.formula
FMN non-polymer 'FLAVIN MONONUCLEOTIDE' 'C17 H21 N4 O9 P'
GOL non-polymer GLYCEROL 'C3 H8 O3'
NCO non-polymer 'COBALT HEXAMMINE(III)' 'Co H18 N6 3'
W7H non-polymer '5-[2-(naphthalen-2-yl)ethyl]-2,6-dioxo-1,2,3,6-tetrahydropyrimidine-4-carboxylic acid' 'C17 H14 N2 O4'
#
# COMPACT_ATOMS: atom_id res chain seq x y z
N MET A 1 11.10 -33.48 -11.29
CA MET A 1 10.68 -32.11 -10.79
C MET A 1 11.42 -31.00 -11.55
N CYS A 2 10.72 -30.00 -12.01
CA CYS A 2 11.44 -28.95 -12.72
C CYS A 2 10.76 -27.62 -12.69
N LEU A 3 11.58 -26.60 -12.86
CA LEU A 3 11.10 -25.25 -12.83
C LEU A 3 10.89 -24.63 -14.24
N LYS A 4 11.02 -25.42 -15.29
CA LYS A 4 11.00 -24.91 -16.66
C LYS A 4 9.65 -24.31 -16.96
N LEU A 5 9.65 -23.27 -17.78
CA LEU A 5 8.42 -22.72 -18.33
C LEU A 5 8.62 -22.44 -19.80
N ASN A 6 7.55 -22.50 -20.55
CA ASN A 6 7.56 -22.06 -21.92
C ASN A 6 6.44 -21.08 -22.04
N LEU A 7 6.77 -19.85 -22.35
CA LEU A 7 5.74 -18.88 -22.54
C LEU A 7 6.22 -17.81 -23.46
N LEU A 8 5.27 -17.14 -24.05
CA LEU A 8 5.56 -16.09 -24.98
C LEU A 8 6.53 -16.53 -26.09
N ASP A 9 6.45 -17.81 -26.49
CA ASP A 9 7.33 -18.37 -27.51
C ASP A 9 8.82 -18.35 -27.11
N HIS A 10 9.08 -18.39 -25.80
CA HIS A 10 10.43 -18.58 -25.24
C HIS A 10 10.43 -19.65 -24.22
N VAL A 11 11.62 -20.15 -23.96
CA VAL A 11 11.82 -21.18 -22.97
C VAL A 11 12.71 -20.61 -21.85
N PHE A 12 12.28 -20.87 -20.62
CA PHE A 12 12.85 -20.30 -19.41
C PHE A 12 13.26 -21.46 -18.51
N ALA A 13 14.49 -21.45 -18.02
CA ALA A 13 14.91 -22.54 -17.16
C ALA A 13 14.17 -22.58 -15.84
N ASN A 14 13.77 -21.39 -15.38
CA ASN A 14 13.09 -21.25 -14.13
C ASN A 14 12.34 -19.93 -14.20
N PRO A 15 11.47 -19.67 -13.25
CA PRO A 15 10.63 -18.44 -13.34
C PRO A 15 11.27 -17.18 -12.84
N PHE A 16 12.46 -17.26 -12.29
CA PHE A 16 13.04 -16.03 -11.58
C PHE A 16 13.73 -15.11 -12.54
N MET A 17 13.58 -13.82 -12.23
CA MET A 17 14.28 -12.77 -13.00
C MET A 17 14.41 -11.60 -12.09
N ASN A 18 15.33 -10.70 -12.43
CA ASN A 18 15.38 -9.43 -11.74
C ASN A 18 14.10 -8.62 -11.98
N ALA A 19 13.71 -7.77 -11.03
CA ALA A 19 12.75 -6.70 -11.26
C ALA A 19 13.41 -5.55 -11.98
N ALA A 20 12.71 -4.86 -12.87
CA ALA A 20 13.28 -3.80 -13.56
C ALA A 20 13.81 -2.74 -12.58
N GLY A 21 14.99 -2.22 -12.88
CA GLY A 21 15.61 -1.25 -12.08
C GLY A 21 16.75 -1.82 -11.26
N VAL A 22 16.67 -3.11 -10.94
CA VAL A 22 17.69 -3.69 -10.05
C VAL A 22 18.69 -4.51 -10.87
N LEU A 23 19.97 -4.18 -10.76
CA LEU A 23 21.01 -4.94 -11.39
C LEU A 23 20.78 -5.05 -12.86
N CYS A 24 20.39 -3.93 -13.44
CA CYS A 24 20.18 -3.93 -14.85
C CYS A 24 20.40 -2.64 -15.65
N SER A 25 21.18 -1.72 -15.10
CA SER A 25 21.39 -0.45 -15.75
C SER A 25 22.54 -0.32 -16.74
N THR A 26 23.63 -1.01 -16.46
CA THR A 26 24.81 -0.94 -17.27
C THR A 26 25.07 -2.24 -17.99
N GLU A 27 26.00 -2.27 -18.98
CA GLU A 27 26.36 -3.48 -19.64
C GLU A 27 26.92 -4.48 -18.58
N GLU A 28 27.73 -3.98 -17.66
CA GLU A 28 28.24 -4.82 -16.59
C GLU A 28 27.06 -5.54 -15.85
N ASP A 29 26.07 -4.76 -15.49
CA ASP A 29 24.88 -5.28 -14.75
C ASP A 29 24.20 -6.40 -15.56
N LEU A 30 23.93 -6.09 -16.82
CA LEU A 30 23.27 -7.04 -17.71
C LEU A 30 24.05 -8.30 -17.91
N ARG A 31 25.38 -8.20 -18.05
N ARG A 31 25.39 -8.19 -18.06
CA ARG A 31 26.26 -9.38 -18.16
CA ARG A 31 26.27 -9.36 -18.17
C ARG A 31 26.18 -10.19 -16.86
C ARG A 31 26.17 -10.18 -16.88
N CYS A 32 26.12 -9.49 -15.74
CA CYS A 32 25.99 -10.17 -14.45
C CYS A 32 24.72 -10.90 -14.31
N MET A 33 23.59 -10.25 -14.66
CA MET A 33 22.32 -10.96 -14.60
C MET A 33 22.33 -12.14 -15.59
N THR A 34 22.94 -11.95 -16.77
CA THR A 34 22.99 -13.05 -17.74
C THR A 34 23.79 -14.24 -17.17
N ALA A 35 24.92 -13.98 -16.52
CA ALA A 35 25.71 -15.03 -15.91
C ALA A 35 25.11 -15.73 -14.72
N SER A 36 24.10 -15.08 -14.11
CA SER A 36 23.43 -15.64 -12.93
C SER A 36 22.53 -16.85 -13.33
N SER A 37 22.03 -17.56 -12.32
N SER A 37 22.00 -17.51 -12.31
CA SER A 37 21.09 -18.67 -12.58
CA SER A 37 21.07 -18.64 -12.50
C SER A 37 19.67 -18.24 -12.79
C SER A 37 19.66 -18.24 -12.77
N SER A 38 19.39 -16.94 -12.93
CA SER A 38 18.03 -16.53 -13.23
C SER A 38 17.55 -17.12 -14.52
N GLY A 39 16.24 -17.27 -14.62
CA GLY A 39 15.63 -17.79 -15.82
C GLY A 39 15.49 -16.73 -16.96
N ALA A 40 15.55 -15.44 -16.59
CA ALA A 40 15.49 -14.31 -17.54
C ALA A 40 16.05 -13.07 -16.88
N LEU A 41 16.15 -11.99 -17.68
CA LEU A 41 16.52 -10.70 -17.15
C LEU A 41 15.71 -9.64 -17.85
N VAL A 42 15.55 -8.51 -17.17
CA VAL A 42 14.93 -7.30 -17.74
C VAL A 42 15.86 -6.13 -17.62
N SER A 43 15.98 -5.28 -18.64
CA SER A 43 16.79 -4.07 -18.52
C SER A 43 16.10 -2.94 -17.76
N LYS A 44 16.88 -1.98 -17.24
CA LYS A 44 16.42 -0.81 -16.60
C LYS A 44 15.47 -0.06 -17.51
N SER A 45 14.34 0.37 -16.94
CA SER A 45 13.35 1.19 -17.65
C SER A 45 14.10 2.35 -18.25
N CYS A 46 13.94 2.56 -19.56
CA CYS A 46 14.68 3.63 -20.19
C CYS A 46 13.81 4.72 -20.83
N THR A 47 14.53 5.79 -21.11
CA THR A 47 13.97 6.98 -21.78
C THR A 47 14.75 7.14 -23.06
N SER A 48 14.26 7.99 -23.96
CA SER A 48 15.01 8.22 -25.17
C SER A 48 16.40 8.75 -25.00
N ALA A 49 16.50 9.69 -24.13
CA ALA A 49 17.81 10.30 -23.75
C ALA A 49 18.34 9.70 -22.42
N PRO A 50 19.62 9.68 -22.24
CA PRO A 50 20.17 9.26 -20.96
C PRO A 50 19.76 10.22 -19.84
N ARG A 51 19.61 9.67 -18.64
CA ARG A 51 19.27 10.41 -17.47
C ARG A 51 20.21 10.06 -16.33
N ASP A 52 20.57 11.10 -15.58
CA ASP A 52 21.36 10.95 -14.35
C ASP A 52 20.54 10.50 -13.14
N GLY A 53 19.28 10.84 -13.19
CA GLY A 53 18.33 10.55 -12.16
C GLY A 53 18.42 11.56 -11.04
N ASN A 54 17.78 11.23 -9.94
CA ASN A 54 17.68 12.13 -8.83
C ASN A 54 18.93 12.19 -7.95
N PRO A 55 19.05 13.26 -7.18
CA PRO A 55 20.14 13.31 -6.22
C PRO A 55 20.17 12.19 -5.20
N GLU A 56 21.37 11.83 -4.80
CA GLU A 56 21.55 10.82 -3.77
C GLU A 56 21.55 11.45 -2.39
N PRO A 57 21.20 10.67 -1.37
CA PRO A 57 20.75 9.27 -1.40
C PRO A 57 19.33 9.14 -1.94
N ARG A 58 19.14 8.11 -2.76
CA ARG A 58 17.89 7.91 -3.44
C ARG A 58 17.36 6.49 -3.37
N TYR A 59 18.11 5.64 -2.71
CA TYR A 59 17.72 4.30 -2.35
C TYR A 59 18.22 3.96 -1.01
N MET A 60 17.35 3.37 -0.17
CA MET A 60 17.80 2.81 1.14
C MET A 60 17.05 1.53 1.40
N ALA A 61 17.71 0.59 2.10
CA ALA A 61 17.11 -0.65 2.49
C ALA A 61 17.24 -0.91 3.96
N PHE A 62 16.30 -1.69 4.45
CA PHE A 62 16.12 -1.95 5.89
C PHE A 62 15.59 -3.37 6.02
N PRO A 63 15.49 -3.85 7.26
CA PRO A 63 15.07 -5.25 7.39
C PRO A 63 13.75 -5.67 6.70
N LEU A 64 12.82 -4.73 6.64
CA LEU A 64 11.50 -5.01 6.09
C LEU A 64 11.32 -4.54 4.64
N GLY A 65 12.35 -3.97 4.05
CA GLY A 65 12.27 -3.60 2.63
C GLY A 65 13.07 -2.41 2.26
N SER A 66 12.65 -1.69 1.22
CA SER A 66 13.42 -0.61 0.67
C SER A 66 12.44 0.56 0.32
N ILE A 67 13.04 1.73 0.18
CA ILE A 67 12.41 2.90 -0.37
C ILE A 67 13.30 3.51 -1.42
N ASN A 68 12.75 4.01 -2.53
CA ASN A 68 13.54 4.65 -3.53
C ASN A 68 12.84 5.77 -4.24
N SER A 69 13.60 6.75 -4.66
CA SER A 69 13.14 7.69 -5.64
C SER A 69 14.34 7.91 -6.56
N MET A 70 14.60 6.91 -7.39
CA MET A 70 15.77 6.93 -8.22
C MET A 70 15.63 8.00 -9.32
N GLY A 71 14.42 8.26 -9.83
CA GLY A 71 14.28 9.25 -10.88
C GLY A 71 14.66 8.78 -12.28
N LEU A 72 14.58 7.49 -12.56
CA LEU A 72 14.83 6.90 -13.83
C LEU A 72 16.21 7.20 -14.35
N PRO A 73 17.26 6.99 -13.55
CA PRO A 73 18.61 7.04 -14.11
C PRO A 73 18.79 5.90 -15.10
N ASN A 74 19.31 6.15 -16.31
CA ASN A 74 19.46 5.08 -17.27
C ASN A 74 20.37 5.60 -18.38
N LEU A 75 20.86 4.63 -19.15
CA LEU A 75 21.87 4.95 -20.21
C LEU A 75 21.22 5.39 -21.53
N GLY A 76 19.92 5.44 -21.53
CA GLY A 76 19.19 5.87 -22.75
C GLY A 76 18.82 4.68 -23.62
N PHE A 77 17.75 4.83 -24.39
CA PHE A 77 17.23 3.80 -25.22
C PHE A 77 18.20 3.23 -26.18
N ASP A 78 19.02 4.04 -26.84
CA ASP A 78 19.90 3.51 -27.80
C ASP A 78 20.85 2.45 -27.16
N PHE A 79 21.32 2.70 -25.95
CA PHE A 79 22.14 1.70 -25.29
C PHE A 79 21.42 0.38 -25.06
N TYR A 80 20.19 0.45 -24.55
CA TYR A 80 19.48 -0.79 -24.26
C TYR A 80 19.07 -1.56 -25.55
N LEU A 81 18.79 -0.78 -26.61
CA LEU A 81 18.52 -1.38 -27.92
C LEU A 81 19.69 -2.07 -28.50
N LYS A 82 20.85 -1.46 -28.37
CA LYS A 82 22.13 -2.07 -28.80
C LYS A 82 22.44 -3.32 -28.02
N TYR A 83 22.16 -3.29 -26.71
CA TYR A 83 22.45 -4.48 -25.89
C TYR A 83 21.56 -5.61 -26.43
N ALA A 84 20.29 -5.32 -26.69
CA ALA A 84 19.36 -6.28 -27.19
C ALA A 84 19.73 -6.79 -28.60
N SER A 85 20.20 -5.90 -29.46
CA SER A 85 20.39 -6.25 -30.82
C SER A 85 21.78 -6.86 -31.03
N ASP A 86 22.82 -6.47 -30.29
CA ASP A 86 24.17 -6.83 -30.62
C ASP A 86 24.89 -7.57 -29.48
N LEU A 87 24.48 -7.38 -28.22
CA LEU A 87 25.35 -7.84 -27.10
C LEU A 87 24.81 -9.01 -26.35
N HIS A 88 23.50 -9.05 -26.13
CA HIS A 88 22.90 -10.09 -25.33
C HIS A 88 23.07 -11.47 -26.01
N ASP A 89 23.40 -12.50 -25.19
CA ASP A 89 23.46 -13.86 -25.63
C ASP A 89 22.15 -14.56 -25.32
N TYR A 90 21.28 -14.63 -26.32
CA TYR A 90 19.97 -15.25 -26.19
C TYR A 90 20.00 -16.76 -25.98
N SER A 91 21.17 -17.36 -26.16
CA SER A 91 21.27 -18.78 -25.84
C SER A 91 21.40 -18.99 -24.36
N LYS A 92 21.70 -17.95 -23.61
CA LYS A 92 21.77 -18.08 -22.16
C LYS A 92 20.38 -18.00 -21.51
N LYS A 93 19.59 -16.97 -21.86
CA LYS A 93 18.23 -16.81 -21.37
C LYS A 93 17.57 -15.69 -22.15
N PRO A 94 16.27 -15.57 -22.01
CA PRO A 94 15.56 -14.49 -22.63
C PRO A 94 15.76 -13.16 -21.98
N LEU A 95 15.60 -12.12 -22.77
CA LEU A 95 15.76 -10.74 -22.37
C LEU A 95 14.46 -9.97 -22.57
N PHE A 96 14.06 -9.28 -21.48
CA PHE A 96 13.02 -8.27 -21.52
C PHE A 96 13.69 -6.89 -21.54
N LEU A 97 13.13 -5.93 -22.31
CA LEU A 97 13.56 -4.58 -22.35
C LEU A 97 12.43 -3.77 -21.79
N SER A 98 12.71 -3.04 -20.71
CA SER A 98 11.67 -2.17 -20.12
C SER A 98 11.76 -0.75 -20.59
N ILE A 99 10.65 -0.16 -21.02
CA ILE A 99 10.68 1.23 -21.40
C ILE A 99 9.77 2.09 -20.54
N SER A 100 10.18 3.33 -20.30
CA SER A 100 9.37 4.19 -19.49
C SER A 100 9.52 5.66 -19.91
N GLY A 101 9.08 5.91 -21.14
CA GLY A 101 8.97 7.26 -21.71
C GLY A 101 8.14 8.14 -20.82
N LEU A 102 8.50 9.41 -20.86
CA LEU A 102 7.89 10.46 -20.06
C LEU A 102 6.66 11.07 -20.69
N SER A 103 6.36 10.59 -21.88
CA SER A 103 5.18 10.96 -22.60
C SER A 103 4.79 9.83 -23.51
N VAL A 104 3.55 9.85 -23.98
CA VAL A 104 3.13 8.81 -24.91
C VAL A 104 3.98 8.89 -26.20
N GLU A 105 4.32 10.10 -26.71
CA GLU A 105 5.09 10.17 -27.92
C GLU A 105 6.51 9.59 -27.78
N GLU A 106 7.11 9.81 -26.62
CA GLU A 106 8.46 9.22 -26.37
C GLU A 106 8.36 7.67 -26.38
N ASN A 107 7.36 7.10 -25.71
CA ASN A 107 7.15 5.63 -25.77
C ASN A 107 6.93 5.14 -27.20
N VAL A 108 6.10 5.85 -28.04
CA VAL A 108 5.89 5.42 -29.40
C VAL A 108 7.17 5.47 -30.23
N ALA A 109 8.01 6.48 -30.03
CA ALA A 109 9.21 6.56 -30.78
C ALA A 109 10.17 5.43 -30.49
N MET A 110 10.27 5.11 -29.21
CA MET A 110 11.07 3.97 -28.81
C MET A 110 10.52 2.63 -29.33
N VAL A 111 9.23 2.37 -29.17
CA VAL A 111 8.70 1.04 -29.60
C VAL A 111 8.81 0.85 -31.12
N ARG A 112 8.70 1.94 -31.85
CA ARG A 112 8.82 1.83 -33.29
C ARG A 112 10.17 1.30 -33.69
N ARG A 113 11.20 1.71 -32.97
CA ARG A 113 12.54 1.28 -33.26
C ARG A 113 12.92 -0.07 -32.60
N LEU A 114 12.26 -0.41 -31.52
CA LEU A 114 12.40 -1.74 -30.92
C LEU A 114 11.82 -2.88 -31.77
N ALA A 115 10.70 -2.59 -32.42
CA ALA A 115 9.96 -3.64 -33.14
C ALA A 115 10.83 -4.55 -33.97
N PRO A 116 11.63 -3.99 -34.87
CA PRO A 116 12.38 -4.92 -35.75
C PRO A 116 13.40 -5.80 -35.01
N VAL A 117 13.91 -5.29 -33.89
CA VAL A 117 14.83 -6.01 -33.07
C VAL A 117 14.07 -7.11 -32.29
N ALA A 118 12.92 -6.77 -31.76
CA ALA A 118 12.01 -7.74 -31.19
C ALA A 118 11.69 -8.83 -32.13
N GLN A 119 11.22 -8.47 -33.31
CA GLN A 119 10.98 -9.51 -34.34
C GLN A 119 12.19 -10.35 -34.68
N GLU A 120 13.38 -9.76 -34.90
CA GLU A 120 14.52 -10.54 -35.28
C GLU A 120 15.24 -11.32 -34.16
N LYS A 121 15.34 -10.73 -32.96
CA LYS A 121 16.15 -11.34 -31.90
C LYS A 121 15.26 -11.96 -30.78
N GLY A 122 14.03 -11.52 -30.69
CA GLY A 122 13.09 -12.06 -29.71
C GLY A 122 13.12 -11.34 -28.33
N VAL A 123 13.78 -10.21 -28.23
CA VAL A 123 13.61 -9.39 -27.04
C VAL A 123 12.19 -9.03 -26.80
N LEU A 124 11.79 -9.12 -25.54
CA LEU A 124 10.43 -8.89 -25.11
C LEU A 124 10.22 -7.53 -24.47
N LEU A 125 9.22 -6.80 -24.85
CA LEU A 125 9.00 -5.53 -24.29
C LEU A 125 8.12 -5.55 -23.05
N GLU A 126 8.60 -4.84 -21.99
CA GLU A 126 7.82 -4.54 -20.79
C GLU A 126 7.64 -3.01 -20.72
N LEU A 127 6.41 -2.56 -20.92
CA LEU A 127 6.11 -1.15 -20.85
C LEU A 127 5.69 -0.76 -19.44
N ASN A 128 6.44 0.17 -18.84
CA ASN A 128 6.19 0.58 -17.51
C ASN A 128 5.14 1.68 -17.47
N LEU A 129 4.00 1.34 -16.93
CA LEU A 129 2.90 2.27 -16.85
C LEU A 129 2.89 3.06 -15.56
N SER A 130 3.94 2.89 -14.76
CA SER A 130 4.25 3.91 -13.76
C SER A 130 5.03 5.10 -14.27
N CYS A 131 5.25 5.29 -15.58
CA CYS A 131 5.87 6.49 -16.06
C CYS A 131 5.01 7.70 -15.39
N PRO A 132 5.69 8.68 -14.76
CA PRO A 132 4.99 9.89 -14.48
C PRO A 132 4.47 10.40 -15.78
N ASN A 133 3.44 11.18 -15.74
CA ASN A 133 3.00 11.80 -16.94
C ASN A 133 3.09 13.28 -16.67
N VAL A 134 2.01 14.01 -16.80
CA VAL A 134 2.03 15.42 -16.48
C VAL A 134 2.10 15.61 -14.98
N PRO A 135 3.11 16.47 -14.50
CA PRO A 135 3.04 16.69 -13.04
C PRO A 135 1.74 17.35 -12.56
N GLY A 136 1.23 16.90 -11.43
CA GLY A 136 -0.11 17.18 -10.87
C GLY A 136 -1.22 16.30 -11.36
N LYS A 137 -0.86 15.39 -12.30
CA LYS A 137 -1.75 14.31 -12.60
C LYS A 137 -1.11 13.03 -11.96
N PRO A 138 -1.97 12.09 -11.68
CA PRO A 138 -1.47 10.78 -11.19
C PRO A 138 -0.60 10.07 -12.18
N GLN A 139 0.16 9.10 -11.68
CA GLN A 139 0.96 8.31 -12.60
C GLN A 139 0.02 7.68 -13.64
N VAL A 140 0.60 7.31 -14.78
CA VAL A 140 -0.20 6.89 -15.92
C VAL A 140 -1.22 5.80 -15.59
N ALA A 141 -0.81 4.76 -14.86
CA ALA A 141 -1.74 3.66 -14.59
C ALA A 141 -2.76 3.99 -13.51
N TYR A 142 -2.65 5.15 -12.87
CA TYR A 142 -3.70 5.61 -12.01
C TYR A 142 -4.58 6.64 -12.71
N ASP A 143 -4.38 6.82 -14.02
CA ASP A 143 -5.24 7.71 -14.85
C ASP A 143 -5.69 6.83 -16.01
N PHE A 144 -6.89 6.26 -15.88
CA PHE A 144 -7.32 5.22 -16.81
C PHE A 144 -7.47 5.68 -18.23
N GLU A 145 -7.85 6.95 -18.44
CA GLU A 145 -7.85 7.47 -19.78
C GLU A 145 -6.44 7.60 -20.39
N ALA A 146 -5.47 8.09 -19.60
CA ALA A 146 -4.12 8.12 -20.08
C ALA A 146 -3.64 6.73 -20.36
N MET A 147 -3.93 5.82 -19.42
CA MET A 147 -3.50 4.43 -19.66
C MET A 147 -4.00 3.87 -20.96
N ARG A 148 -5.28 4.12 -21.22
CA ARG A 148 -5.84 3.61 -22.48
C ARG A 148 -5.16 4.22 -23.68
N THR A 149 -4.90 5.53 -23.62
CA THR A 149 -4.14 6.21 -24.70
C THR A 149 -2.76 5.64 -24.92
N TYR A 150 -2.08 5.41 -23.81
CA TYR A 150 -0.76 4.87 -23.99
C TYR A 150 -0.82 3.53 -24.69
N LEU A 151 -1.73 2.66 -24.26
CA LEU A 151 -1.83 1.28 -24.82
C LEU A 151 -2.30 1.23 -26.27
N GLN A 152 -3.22 2.14 -26.61
CA GLN A 152 -3.63 2.26 -27.98
C GLN A 152 -2.44 2.65 -28.89
N GLN A 153 -1.69 3.65 -28.44
CA GLN A 153 -0.64 4.18 -29.28
C GLN A 153 0.54 3.23 -29.39
N VAL A 154 0.89 2.60 -28.26
CA VAL A 154 1.93 1.65 -28.31
C VAL A 154 1.55 0.39 -29.09
N SER A 155 0.34 -0.08 -28.94
CA SER A 155 -0.12 -1.24 -29.70
C SER A 155 -0.02 -0.92 -31.20
N LEU A 156 -0.47 0.26 -31.60
CA LEU A 156 -0.37 0.60 -33.03
C LEU A 156 1.07 0.72 -33.51
N ALA A 157 1.95 1.30 -32.72
CA ALA A 157 3.29 1.57 -33.14
C ALA A 157 4.16 0.36 -33.10
N TYR A 158 3.86 -0.59 -32.20
CA TYR A 158 4.74 -1.70 -32.04
C TYR A 158 4.32 -2.92 -32.85
N GLY A 159 3.06 -3.25 -32.70
CA GLY A 159 2.47 -4.26 -33.52
C GLY A 159 2.77 -5.71 -33.18
N LEU A 160 3.37 -5.94 -31.99
CA LEU A 160 3.85 -7.25 -31.56
C LEU A 160 3.42 -7.43 -30.10
N PRO A 161 3.44 -8.66 -29.68
CA PRO A 161 3.07 -8.90 -28.24
C PRO A 161 4.06 -8.19 -27.31
N PHE A 162 3.48 -7.66 -26.24
CA PHE A 162 4.28 -7.01 -25.24
C PHE A 162 3.62 -7.19 -23.90
N GLY A 163 4.25 -6.68 -22.86
CA GLY A 163 3.63 -6.67 -21.52
C GLY A 163 3.72 -5.34 -20.86
N VAL A 164 3.03 -5.21 -19.72
CA VAL A 164 2.94 -3.99 -19.03
C VAL A 164 3.30 -4.20 -17.56
N LYS A 165 3.99 -3.22 -17.00
CA LYS A 165 4.32 -3.21 -15.55
C LYS A 165 3.36 -2.25 -14.87
N MET A 166 2.65 -2.79 -13.90
CA MET A 166 1.55 -2.09 -13.21
C MET A 166 1.90 -1.69 -11.79
N PRO A 167 1.45 -0.53 -11.36
CA PRO A 167 1.51 -0.19 -9.94
C PRO A 167 0.46 -1.03 -9.21
N PRO A 168 0.60 -1.13 -7.91
CA PRO A 168 -0.46 -1.79 -7.14
C PRO A 168 -1.71 -0.94 -7.09
N TYR A 169 -2.84 -1.63 -7.01
CA TYR A 169 -4.11 -1.02 -6.71
C TYR A 169 -4.65 -1.55 -5.36
N PHE A 170 -5.58 -0.79 -4.76
CA PHE A 170 -6.04 -1.00 -3.42
C PHE A 170 -7.56 -1.08 -3.22
N ASP A 171 -8.22 -0.96 -4.35
CA ASP A 171 -9.70 -0.84 -4.38
C ASP A 171 -10.19 -1.76 -5.48
N ILE A 172 -11.22 -2.53 -5.17
CA ILE A 172 -11.76 -3.54 -6.10
C ILE A 172 -12.23 -2.83 -7.36
N ALA A 173 -12.77 -1.61 -7.21
CA ALA A 173 -13.28 -0.94 -8.42
C ALA A 173 -12.14 -0.60 -9.36
N HIS A 174 -10.95 -0.32 -8.80
CA HIS A 174 -9.74 -0.14 -9.63
C HIS A 174 -9.20 -1.40 -10.26
N PHE A 175 -9.28 -2.52 -9.54
CA PHE A 175 -8.86 -3.76 -10.14
C PHE A 175 -9.79 -3.98 -11.34
N ASP A 176 -11.08 -3.74 -11.12
CA ASP A 176 -12.03 -4.04 -12.18
C ASP A 176 -11.79 -3.16 -13.38
N THR A 177 -11.61 -1.88 -13.15
CA THR A 177 -11.41 -0.96 -14.25
C THR A 177 -10.09 -1.16 -14.97
N ALA A 178 -9.03 -1.33 -14.21
CA ALA A 178 -7.72 -1.54 -14.81
C ALA A 178 -7.67 -2.76 -15.65
N ALA A 179 -8.20 -3.87 -15.15
CA ALA A 179 -8.17 -5.08 -15.96
C ALA A 179 -8.98 -4.96 -17.20
N ALA A 180 -10.08 -4.30 -17.10
CA ALA A 180 -10.91 -4.07 -18.27
C ALA A 180 -10.20 -3.25 -19.33
N VAL A 181 -9.48 -2.21 -18.94
CA VAL A 181 -8.65 -1.48 -19.91
C VAL A 181 -7.62 -2.42 -20.54
N LEU A 182 -6.85 -3.21 -19.76
CA LEU A 182 -5.90 -4.08 -20.34
C LEU A 182 -6.50 -5.08 -21.30
N ASN A 183 -7.69 -5.56 -20.98
CA ASN A 183 -8.33 -6.58 -21.78
C ASN A 183 -8.88 -5.99 -23.14
N GLU A 184 -8.86 -4.70 -23.27
CA GLU A 184 -9.12 -4.05 -24.60
C GLU A 184 -7.98 -4.29 -25.59
N PHE A 185 -6.77 -4.72 -25.13
CA PHE A 185 -5.53 -4.73 -25.91
C PHE A 185 -5.01 -6.12 -26.06
N PRO A 186 -5.33 -6.78 -27.16
CA PRO A 186 -4.92 -8.13 -27.36
C PRO A 186 -3.40 -8.34 -27.45
N LEU A 187 -2.67 -7.30 -27.77
CA LEU A 187 -1.23 -7.45 -27.85
C LEU A 187 -0.58 -7.44 -26.44
N VAL A 188 -1.34 -7.04 -25.43
CA VAL A 188 -0.79 -7.08 -24.09
C VAL A 188 -0.90 -8.53 -23.60
N LYS A 189 0.22 -9.24 -23.65
CA LYS A 189 0.17 -10.66 -23.37
C LYS A 189 0.61 -10.99 -21.95
N PHE A 190 1.29 -10.10 -21.30
CA PHE A 190 1.64 -10.30 -19.87
C PHE A 190 1.48 -9.02 -19.07
N VAL A 191 1.17 -9.17 -17.78
CA VAL A 191 0.93 -8.08 -16.85
C VAL A 191 1.80 -8.35 -15.63
N THR A 192 2.73 -7.43 -15.36
CA THR A 192 3.62 -7.58 -14.22
C THR A 192 3.07 -6.76 -13.07
N CYS A 193 2.68 -7.50 -12.01
CA CYS A 193 2.11 -6.92 -10.78
C CYS A 193 3.07 -7.27 -9.66
N VAL A 194 3.72 -6.31 -8.98
CA VAL A 194 3.50 -4.90 -9.03
C VAL A 194 4.79 -4.11 -8.99
N ASN A 195 4.69 -2.88 -9.41
CA ASN A 195 5.73 -1.88 -9.12
C ASN A 195 5.68 -1.49 -7.64
N SER A 196 6.55 -0.57 -7.24
CA SER A 196 6.66 -0.25 -5.84
C SER A 196 5.39 0.41 -5.31
N VAL A 197 5.15 0.28 -4.00
CA VAL A 197 4.01 0.91 -3.39
C VAL A 197 4.36 2.40 -3.18
N GLY A 198 3.58 3.25 -3.87
CA GLY A 198 4.03 4.59 -4.09
C GLY A 198 4.00 5.44 -2.84
N ASN A 199 4.95 6.37 -2.81
CA ASN A 199 5.03 7.45 -1.85
C ASN A 199 4.86 7.08 -0.41
N GLY A 200 5.64 6.08 -0.01
CA GLY A 200 5.85 5.80 1.37
C GLY A 200 6.87 6.77 1.95
N LEU A 201 7.07 6.73 3.26
CA LEU A 201 8.02 7.66 3.95
C LEU A 201 8.68 6.89 5.08
N VAL A 202 9.95 6.67 4.96
CA VAL A 202 10.74 6.08 6.02
C VAL A 202 11.46 7.20 6.78
N ILE A 203 11.36 7.09 8.11
CA ILE A 203 11.98 8.06 8.99
C ILE A 203 12.87 7.32 9.99
N ASP A 204 14.06 7.85 10.11
CA ASP A 204 15.07 7.30 11.01
C ASP A 204 14.89 7.97 12.38
N ALA A 205 14.57 7.20 13.41
CA ALA A 205 14.28 7.79 14.71
C ALA A 205 15.51 8.45 15.35
N GLU A 206 16.71 7.92 15.15
CA GLU A 206 17.83 8.54 15.88
C GLU A 206 18.13 9.91 15.32
N SER A 207 18.17 10.02 13.99
CA SER A 207 18.50 11.27 13.35
C SER A 207 17.30 12.16 13.11
N GLU A 208 16.10 11.63 13.32
CA GLU A 208 14.86 12.40 13.14
C GLU A 208 14.68 12.86 11.76
N SER A 209 15.24 12.11 10.81
CA SER A 209 15.28 12.53 9.41
C SER A 209 14.73 11.45 8.48
N VAL A 210 14.09 11.89 7.37
CA VAL A 210 13.87 11.01 6.23
C VAL A 210 15.23 10.44 5.74
N VAL A 211 15.18 9.38 4.95
CA VAL A 211 16.37 8.63 4.56
C VAL A 211 16.78 8.76 3.11
N ILE A 212 15.94 9.38 2.27
CA ILE A 212 16.26 9.67 0.90
C ILE A 212 16.04 11.15 0.68
N LYS A 213 16.80 11.72 -0.23
CA LYS A 213 16.81 13.14 -0.46
C LYS A 213 15.72 13.65 -1.40
N PRO A 214 15.44 12.96 -2.48
CA PRO A 214 14.37 13.52 -3.33
C PRO A 214 13.00 13.52 -2.62
N LYS A 215 12.11 14.38 -3.12
CA LYS A 215 10.67 14.39 -2.76
C LYS A 215 10.43 14.40 -1.24
N GLN A 216 11.31 15.12 -0.52
CA GLN A 216 11.19 15.27 0.93
C GLN A 216 11.12 13.94 1.63
N GLY A 217 11.75 12.96 1.04
CA GLY A 217 11.87 11.66 1.63
C GLY A 217 10.82 10.65 1.15
N PHE A 218 9.85 11.06 0.35
CA PHE A 218 8.79 10.14 -0.11
C PHE A 218 9.30 9.31 -1.28
N GLY A 219 9.03 8.02 -1.24
CA GLY A 219 9.42 7.19 -2.39
C GLY A 219 8.76 5.88 -2.40
N GLY A 220 9.06 5.10 -3.45
CA GLY A 220 8.31 3.85 -3.59
C GLY A 220 8.89 2.75 -2.69
N LEU A 221 8.00 1.96 -2.12
CA LEU A 221 8.35 0.87 -1.19
C LEU A 221 8.41 -0.46 -1.91
N GLY A 222 9.43 -1.22 -1.56
CA GLY A 222 9.52 -2.59 -1.94
C GLY A 222 9.88 -3.48 -0.76
N GLY A 223 9.88 -4.77 -1.02
CA GLY A 223 10.33 -5.74 -0.09
C GLY A 223 9.22 -6.33 0.80
N LYS A 224 9.57 -6.70 2.03
N LYS A 224 9.57 -6.69 2.04
CA LYS A 224 8.61 -7.43 2.89
CA LYS A 224 8.62 -7.42 2.90
C LYS A 224 7.37 -6.63 3.15
C LYS A 224 7.37 -6.64 3.16
N TYR A 225 7.48 -5.30 3.20
CA TYR A 225 6.31 -4.46 3.35
C TYR A 225 5.15 -4.81 2.38
N ILE A 226 5.53 -5.18 1.15
CA ILE A 226 4.58 -5.15 0.06
C ILE A 226 4.08 -6.54 -0.41
N LEU A 227 4.50 -7.63 0.22
CA LEU A 227 4.17 -8.96 -0.29
C LEU A 227 2.67 -9.18 -0.34
N PRO A 228 1.91 -8.91 0.75
CA PRO A 228 0.44 -9.18 0.58
C PRO A 228 -0.21 -8.29 -0.47
N THR A 229 0.21 -7.06 -0.60
CA THR A 229 -0.28 -6.20 -1.64
C THR A 229 0.06 -6.79 -3.06
N ALA A 230 1.33 -7.29 -3.22
CA ALA A 230 1.76 -7.88 -4.51
C ALA A 230 0.88 -9.10 -4.82
N LEU A 231 0.70 -10.00 -3.84
CA LEU A 231 -0.07 -11.19 -4.01
C LEU A 231 -1.49 -10.82 -4.49
N ALA A 232 -2.06 -9.83 -3.84
CA ALA A 232 -3.45 -9.42 -4.11
C ALA A 232 -3.56 -8.99 -5.57
N ASN A 233 -2.58 -8.23 -6.01
CA ASN A 233 -2.62 -7.70 -7.38
C ASN A 233 -2.39 -8.80 -8.40
N VAL A 234 -1.45 -9.69 -8.08
CA VAL A 234 -1.20 -10.83 -9.00
C VAL A 234 -2.55 -11.59 -9.13
N ASN A 235 -3.18 -11.87 -8.00
CA ASN A 235 -4.37 -12.75 -8.06
C ASN A 235 -5.54 -12.03 -8.70
N ALA A 236 -5.67 -10.72 -8.41
CA ALA A 236 -6.78 -9.88 -8.97
C ALA A 236 -6.70 -9.88 -10.49
N PHE A 237 -5.50 -9.67 -11.01
CA PHE A 237 -5.32 -9.65 -12.48
C PHE A 237 -5.39 -11.02 -13.08
N TYR A 238 -4.90 -12.04 -12.37
CA TYR A 238 -4.98 -13.44 -12.82
C TYR A 238 -6.39 -13.83 -13.02
N ARG A 239 -7.26 -13.46 -12.09
CA ARG A 239 -8.68 -13.76 -12.18
C ARG A 239 -9.35 -12.93 -13.27
N ARG A 240 -8.93 -11.72 -13.53
CA ARG A 240 -9.66 -10.81 -14.43
C ARG A 240 -9.14 -10.85 -15.85
N CYS A 241 -7.95 -11.41 -16.02
CA CYS A 241 -7.30 -11.41 -17.38
C CYS A 241 -6.97 -12.79 -17.82
N PRO A 242 -8.02 -13.60 -18.13
CA PRO A 242 -7.77 -15.00 -18.36
C PRO A 242 -7.00 -15.31 -19.66
N ASP A 243 -6.94 -14.41 -20.60
CA ASP A 243 -6.16 -14.62 -21.79
C ASP A 243 -4.80 -13.99 -21.73
N LYS A 244 -4.34 -13.51 -20.54
CA LYS A 244 -2.98 -12.89 -20.41
C LYS A 244 -2.21 -13.67 -19.35
N LEU A 245 -0.91 -13.61 -19.39
CA LEU A 245 -0.05 -14.13 -18.29
C LEU A 245 0.05 -13.02 -17.24
N VAL A 246 0.33 -13.41 -15.99
CA VAL A 246 0.68 -12.47 -14.97
C VAL A 246 2.05 -12.83 -14.49
N PHE A 247 2.89 -11.83 -14.36
CA PHE A 247 4.15 -12.02 -13.73
C PHE A 247 4.08 -11.34 -12.37
N GLY A 248 4.60 -12.02 -11.35
CA GLY A 248 4.58 -11.47 -10.02
C GLY A 248 5.86 -10.77 -9.71
N CYS A 249 5.71 -9.67 -8.96
CA CYS A 249 6.83 -8.89 -8.44
C CYS A 249 6.38 -8.26 -7.12
N GLY A 250 7.17 -8.44 -6.09
CA GLY A 250 7.01 -7.76 -4.81
C GLY A 250 7.19 -8.70 -3.65
N GLY A 251 8.14 -8.31 -2.83
CA GLY A 251 8.34 -9.06 -1.57
C GLY A 251 8.93 -10.40 -1.68
N VAL A 252 9.57 -10.78 -2.79
CA VAL A 252 10.11 -12.11 -2.84
C VAL A 252 11.50 -12.12 -2.21
N TYR A 253 11.67 -12.87 -1.12
CA TYR A 253 12.96 -13.12 -0.52
C TYR A 253 13.31 -14.60 -0.40
N SER A 254 12.36 -15.44 -0.71
CA SER A 254 12.56 -16.89 -0.48
C SER A 254 11.78 -17.67 -1.51
N GLY A 255 12.10 -18.94 -1.59
CA GLY A 255 11.29 -19.86 -2.41
C GLY A 255 9.84 -19.93 -1.97
N GLU A 256 9.58 -19.80 -0.68
CA GLU A 256 8.21 -19.81 -0.19
C GLU A 256 7.47 -18.61 -0.70
N ASP A 257 8.12 -17.43 -0.66
CA ASP A 257 7.44 -16.23 -1.21
C ASP A 257 7.09 -16.40 -2.67
N ALA A 258 8.04 -17.00 -3.39
CA ALA A 258 7.82 -17.30 -4.83
C ALA A 258 6.68 -18.27 -5.03
N PHE A 259 6.63 -19.31 -4.21
CA PHE A 259 5.52 -20.27 -4.24
C PHE A 259 4.18 -19.56 -4.05
N LEU A 260 4.10 -18.61 -3.13
CA LEU A 260 2.88 -17.90 -2.90
C LEU A 260 2.47 -17.09 -4.12
N HIS A 261 3.44 -16.42 -4.72
CA HIS A 261 3.19 -15.72 -6.00
C HIS A 261 2.57 -16.61 -7.08
N ILE A 262 3.16 -17.79 -7.20
CA ILE A 262 2.83 -18.70 -8.25
C ILE A 262 1.42 -19.28 -7.92
N LEU A 263 1.13 -19.63 -6.67
CA LEU A 263 -0.23 -20.02 -6.27
C LEU A 263 -1.25 -18.95 -6.57
N ALA A 264 -0.84 -17.68 -6.42
CA ALA A 264 -1.68 -16.53 -6.80
C ALA A 264 -1.91 -16.35 -8.25
N GLY A 265 -1.09 -16.96 -9.07
CA GLY A 265 -1.19 -16.80 -10.50
C GLY A 265 0.06 -16.44 -11.30
N ALA A 266 1.17 -16.16 -10.65
CA ALA A 266 2.35 -15.74 -11.36
C ALA A 266 2.95 -16.80 -12.28
N SER A 267 3.41 -16.37 -13.44
CA SER A 267 4.18 -17.18 -14.32
C SER A 267 5.67 -16.89 -14.03
N MET A 268 6.15 -15.74 -14.44
CA MET A 268 7.48 -15.32 -14.00
C MET A 268 7.35 -14.66 -12.62
N VAL A 269 8.46 -14.71 -11.88
CA VAL A 269 8.56 -14.14 -10.56
C VAL A 269 9.77 -13.26 -10.53
N GLN A 270 9.57 -11.94 -10.30
CA GLN A 270 10.69 -10.99 -10.39
C GLN A 270 11.12 -10.66 -8.92
N VAL A 271 12.39 -10.30 -8.78
CA VAL A 271 13.02 -10.09 -7.51
C VAL A 271 13.76 -8.77 -7.59
N GLY A 272 13.29 -7.82 -6.76
CA GLY A 272 13.79 -6.40 -6.73
C GLY A 272 14.68 -6.29 -5.47
N THR A 273 14.11 -5.75 -4.42
CA THR A 273 14.79 -5.42 -3.16
C THR A 273 15.69 -6.54 -2.67
N ALA A 274 15.19 -7.76 -2.67
CA ALA A 274 16.05 -8.82 -2.12
C ALA A 274 17.26 -9.09 -2.95
N LEU A 275 17.15 -8.94 -4.27
CA LEU A 275 18.25 -9.03 -5.17
C LEU A 275 19.26 -7.89 -5.01
N GLN A 276 18.74 -6.69 -4.85
CA GLN A 276 19.57 -5.53 -4.54
C GLN A 276 20.36 -5.73 -3.28
N GLU A 277 19.80 -6.38 -2.26
CA GLU A 277 20.45 -6.59 -1.04
C GLU A 277 21.39 -7.77 -0.99
N GLU A 278 20.98 -8.87 -1.61
CA GLU A 278 21.71 -10.11 -1.51
C GLU A 278 22.67 -10.39 -2.66
N GLY A 279 22.37 -9.79 -3.82
CA GLY A 279 23.10 -10.10 -5.03
C GLY A 279 22.65 -11.30 -5.75
N PRO A 280 23.20 -11.53 -6.94
CA PRO A 280 22.65 -12.51 -7.85
C PRO A 280 22.72 -13.96 -7.40
N GLY A 281 23.53 -14.22 -6.40
CA GLY A 281 23.49 -15.54 -5.77
C GLY A 281 22.14 -15.91 -5.26
N ILE A 282 21.26 -14.93 -5.06
CA ILE A 282 19.90 -15.25 -4.54
C ILE A 282 19.21 -16.26 -5.46
N PHE A 283 19.51 -16.16 -6.75
CA PHE A 283 18.76 -17.01 -7.67
C PHE A 283 18.97 -18.49 -7.44
N THR A 284 20.19 -18.89 -7.04
CA THR A 284 20.38 -20.34 -6.78
C THR A 284 19.59 -20.77 -5.52
N ARG A 285 19.58 -19.89 -4.53
CA ARG A 285 18.86 -20.11 -3.30
C ARG A 285 17.40 -20.20 -3.54
N LEU A 286 16.83 -19.28 -4.32
CA LEU A 286 15.42 -19.30 -4.55
C LEU A 286 14.99 -20.57 -5.26
N GLU A 287 15.79 -20.96 -6.23
CA GLU A 287 15.46 -22.16 -6.99
C GLU A 287 15.45 -23.41 -6.12
N ASP A 288 16.49 -23.51 -5.32
CA ASP A 288 16.60 -24.64 -4.40
C ASP A 288 15.43 -24.65 -3.41
N GLU A 289 15.13 -23.49 -2.88
CA GLU A 289 14.04 -23.41 -1.93
C GLU A 289 12.67 -23.76 -2.50
N LEU A 290 12.42 -23.26 -3.69
CA LEU A 290 11.18 -23.56 -4.34
C LEU A 290 11.08 -25.08 -4.68
N LEU A 291 12.17 -25.64 -5.16
CA LEU A 291 12.19 -27.10 -5.47
C LEU A 291 12.00 -27.88 -4.22
N GLU A 292 12.51 -27.39 -3.08
CA GLU A 292 12.31 -28.13 -1.85
C GLU A 292 10.81 -28.15 -1.43
N ILE A 293 10.11 -27.03 -1.63
CA ILE A 293 8.69 -26.96 -1.28
C ILE A 293 7.89 -27.81 -2.23
N MET A 294 8.23 -27.74 -3.52
CA MET A 294 7.62 -28.63 -4.48
C MET A 294 7.81 -30.13 -4.09
N ALA A 295 9.01 -30.49 -3.70
CA ALA A 295 9.25 -31.92 -3.35
C ALA A 295 8.42 -32.38 -2.15
N ARG A 296 8.31 -31.54 -1.13
CA ARG A 296 7.54 -31.83 0.07
C ARG A 296 6.08 -32.05 -0.25
N LYS A 297 5.57 -31.30 -1.20
CA LYS A 297 4.18 -31.33 -1.57
C LYS A 297 3.88 -32.26 -2.70
N GLY A 298 4.88 -32.86 -3.26
CA GLY A 298 4.71 -33.69 -4.43
C GLY A 298 4.39 -33.03 -5.76
N TYR A 299 4.71 -31.74 -5.94
CA TYR A 299 4.49 -31.05 -7.19
C TYR A 299 5.72 -31.25 -8.11
N ARG A 300 5.48 -31.67 -9.37
CA ARG A 300 6.56 -31.90 -10.27
C ARG A 300 6.85 -30.73 -11.21
N THR A 301 5.82 -29.94 -11.48
CA THR A 301 5.92 -28.78 -12.33
C THR A 301 5.16 -27.55 -11.76
N LEU A 302 5.47 -26.38 -12.26
CA LEU A 302 4.84 -25.16 -11.79
C LEU A 302 3.33 -25.10 -12.10
N GLU A 303 2.98 -25.66 -13.23
CA GLU A 303 1.63 -25.53 -13.69
C GLU A 303 0.68 -26.38 -12.80
N GLU A 304 1.24 -27.27 -12.03
CA GLU A 304 0.44 -28.04 -11.14
C GLU A 304 -0.20 -27.21 -10.06
N PHE A 305 0.46 -26.11 -9.71
CA PHE A 305 -0.07 -25.24 -8.67
C PHE A 305 -0.30 -23.78 -9.04
N ARG A 306 0.13 -23.38 -10.23
CA ARG A 306 -0.03 -21.99 -10.58
C ARG A 306 -1.51 -21.59 -10.59
N GLY A 307 -1.83 -20.54 -9.89
CA GLY A 307 -3.21 -20.03 -9.80
C GLY A 307 -4.14 -20.86 -8.96
N ARG A 308 -3.59 -21.85 -8.25
N ARG A 308 -3.60 -21.83 -8.21
CA ARG A 308 -4.40 -22.82 -7.54
CA ARG A 308 -4.45 -22.76 -7.51
C ARG A 308 -4.59 -22.46 -6.04
C ARG A 308 -4.61 -22.44 -6.04
N VAL A 309 -4.30 -21.21 -5.65
CA VAL A 309 -4.67 -20.75 -4.32
C VAL A 309 -6.15 -21.13 -3.97
N LYS A 310 -6.36 -21.66 -2.77
CA LYS A 310 -7.68 -22.05 -2.33
C LYS A 310 -8.30 -20.93 -1.62
N THR A 311 -9.59 -20.79 -1.79
CA THR A 311 -10.37 -19.88 -0.96
C THR A 311 -11.15 -20.69 0.06
N ILE A 312 -11.70 -20.01 1.04
CA ILE A 312 -12.41 -20.69 2.14
C ILE A 312 -13.90 -20.70 1.82
N GLU A 313 -14.46 -21.92 1.81
CA GLU A 313 -15.95 -22.15 1.64
C GLU A 313 -16.64 -21.28 0.63
N MET B 1 7.69 14.54 34.81
CA MET B 1 7.59 14.34 33.30
C MET B 1 6.33 13.52 32.79
N CYS B 2 5.44 14.19 32.06
CA CYS B 2 4.20 13.53 31.65
C CYS B 2 3.85 13.99 30.23
N LEU B 3 2.94 13.22 29.61
CA LEU B 3 2.62 13.25 28.18
C LEU B 3 1.31 13.94 27.90
N LYS B 4 0.78 14.67 28.90
CA LYS B 4 -0.54 15.25 28.78
C LYS B 4 -0.56 16.28 27.66
N LEU B 5 -1.69 16.40 26.94
CA LEU B 5 -1.90 17.38 25.94
C LEU B 5 -3.35 17.83 25.80
N ASN B 6 -3.59 18.94 25.13
CA ASN B 6 -4.90 19.50 24.91
C ASN B 6 -5.15 19.69 23.47
N LEU B 7 -6.27 19.18 22.94
CA LEU B 7 -6.65 19.31 21.56
C LEU B 7 -8.16 19.34 21.46
N LEU B 8 -8.70 20.09 20.54
CA LEU B 8 -10.11 20.04 20.27
C LEU B 8 -10.96 20.37 21.55
N ASP B 9 -10.44 21.23 22.38
CA ASP B 9 -11.13 21.68 23.60
C ASP B 9 -11.26 20.54 24.62
N HIS B 10 -10.42 19.53 24.48
CA HIS B 10 -10.32 18.47 25.44
C HIS B 10 -8.92 18.26 25.94
N VAL B 11 -8.83 17.71 27.12
CA VAL B 11 -7.54 17.36 27.69
C VAL B 11 -7.34 15.88 27.60
N PHE B 12 -6.09 15.50 27.22
CA PHE B 12 -5.68 14.10 27.07
C PHE B 12 -4.43 13.82 27.92
N ALA B 13 -4.44 12.70 28.56
CA ALA B 13 -3.32 12.28 29.49
C ALA B 13 -2.09 11.91 28.72
N ASN B 14 -2.34 11.54 27.47
CA ASN B 14 -1.26 11.11 26.59
C ASN B 14 -1.89 11.01 25.18
N PRO B 15 -1.04 10.87 24.14
CA PRO B 15 -1.56 10.92 22.79
C PRO B 15 -2.14 9.58 22.27
N PHE B 16 -2.14 8.55 23.08
CA PHE B 16 -2.49 7.20 22.58
C PHE B 16 -3.96 6.92 22.67
N MET B 17 -4.50 6.20 21.67
CA MET B 17 -5.87 5.69 21.71
C MET B 17 -5.93 4.44 20.86
N ASN B 18 -7.01 3.67 20.99
CA ASN B 18 -7.24 2.59 20.08
C ASN B 18 -7.54 3.19 18.70
N ALA B 19 -7.29 2.38 17.71
CA ALA B 19 -7.82 2.60 16.39
C ALA B 19 -9.25 2.11 16.29
N ALA B 20 -10.11 2.83 15.54
CA ALA B 20 -11.44 2.38 15.37
C ALA B 20 -11.54 0.95 14.88
N GLY B 21 -12.44 0.18 15.45
CA GLY B 21 -12.64 -1.18 15.11
C GLY B 21 -11.98 -2.16 16.07
N VAL B 22 -10.97 -1.72 16.80
CA VAL B 22 -10.24 -2.62 17.68
C VAL B 22 -10.57 -2.34 19.15
N LEU B 23 -11.01 -3.37 19.84
CA LEU B 23 -11.39 -3.28 21.23
C LEU B 23 -12.42 -2.20 21.54
N CYS B 24 -13.44 -2.11 20.70
CA CYS B 24 -14.37 -1.04 20.87
C CYS B 24 -15.77 -1.30 20.36
N SER B 25 -16.16 -2.54 20.27
CA SER B 25 -17.42 -2.86 19.65
C SER B 25 -18.56 -3.01 20.64
N THR B 26 -18.27 -3.59 21.78
CA THR B 26 -19.27 -3.82 22.76
C THR B 26 -19.10 -2.93 24.00
N GLU B 27 -20.11 -2.90 24.87
CA GLU B 27 -19.99 -2.16 26.06
C GLU B 27 -18.76 -2.64 26.91
N GLU B 28 -18.60 -3.94 26.93
CA GLU B 28 -17.42 -4.55 27.61
C GLU B 28 -16.10 -4.00 27.04
N ASP B 29 -16.04 -3.94 25.73
CA ASP B 29 -14.81 -3.44 25.08
C ASP B 29 -14.56 -1.99 25.46
N LEU B 30 -15.61 -1.16 25.38
CA LEU B 30 -15.48 0.27 25.64
C LEU B 30 -15.10 0.53 27.11
N ARG B 31 -15.62 -0.30 28.02
N ARG B 31 -15.64 -0.28 28.02
CA ARG B 31 -15.27 -0.16 29.42
CA ARG B 31 -15.30 -0.18 29.43
C ARG B 31 -13.84 -0.58 29.64
C ARG B 31 -13.84 -0.57 29.64
N CYS B 32 -13.38 -1.58 28.88
CA CYS B 32 -11.97 -2.03 28.98
C CYS B 32 -11.05 -0.91 28.47
N MET B 33 -11.34 -0.34 27.31
CA MET B 33 -10.57 0.80 26.80
C MET B 33 -10.62 1.97 27.76
N THR B 34 -11.75 2.21 28.40
CA THR B 34 -11.81 3.34 29.33
C THR B 34 -10.93 3.06 30.57
N ALA B 35 -10.86 1.84 31.00
CA ALA B 35 -10.01 1.42 32.16
C ALA B 35 -8.55 1.38 31.89
N SER B 36 -8.19 1.31 30.61
CA SER B 36 -6.80 1.31 30.18
C SER B 36 -6.12 2.66 30.41
N SER B 37 -4.80 2.66 30.21
CA SER B 37 -4.02 3.89 30.35
C SER B 37 -4.06 4.70 29.08
N SER B 38 -4.89 4.33 28.08
CA SER B 38 -4.94 5.22 26.89
C SER B 38 -5.42 6.61 27.21
N GLY B 39 -4.99 7.55 26.40
CA GLY B 39 -5.40 8.93 26.53
C GLY B 39 -6.82 9.21 26.06
N ALA B 40 -7.35 8.36 25.16
CA ALA B 40 -8.70 8.50 24.63
C ALA B 40 -9.12 7.10 24.08
N LEU B 41 -10.38 6.99 23.65
CA LEU B 41 -10.88 5.82 22.99
C LEU B 41 -11.80 6.27 21.88
N VAL B 42 -11.97 5.41 20.90
CA VAL B 42 -12.91 5.62 19.79
C VAL B 42 -13.76 4.35 19.70
N SER B 43 -15.06 4.53 19.42
CA SER B 43 -15.96 3.40 19.28
C SER B 43 -15.84 2.80 17.88
N LYS B 44 -16.32 1.58 17.71
CA LYS B 44 -16.40 0.87 16.42
C LYS B 44 -17.22 1.67 15.42
N SER B 45 -16.74 1.82 14.20
CA SER B 45 -17.56 2.54 13.17
C SER B 45 -18.97 1.90 13.12
N CYS B 46 -20.01 2.75 13.10
CA CYS B 46 -21.33 2.21 13.16
C CYS B 46 -22.21 2.64 11.99
N THR B 47 -23.21 1.80 11.84
CA THR B 47 -24.28 2.05 10.88
C THR B 47 -25.59 2.29 11.65
N SER B 48 -26.62 2.72 10.95
CA SER B 48 -27.85 2.99 11.62
C SER B 48 -28.39 1.78 12.26
N ALA B 49 -28.36 0.65 11.56
CA ALA B 49 -28.86 -0.61 12.09
C ALA B 49 -27.68 -1.48 12.52
N PRO B 50 -27.90 -2.40 13.43
CA PRO B 50 -26.85 -3.34 13.80
C PRO B 50 -26.46 -4.21 12.62
N ARG B 51 -25.21 -4.68 12.59
CA ARG B 51 -24.73 -5.55 11.56
C ARG B 51 -23.97 -6.74 12.17
N ASP B 52 -24.19 -7.92 11.63
CA ASP B 52 -23.43 -9.11 11.99
C ASP B 52 -22.00 -9.12 11.38
N GLY B 53 -21.87 -8.45 10.27
CA GLY B 53 -20.62 -8.46 9.56
C GLY B 53 -20.45 -9.73 8.72
N ASN B 54 -19.24 -9.92 8.22
CA ASN B 54 -18.91 -11.03 7.36
C ASN B 54 -18.67 -12.36 8.04
N PRO B 55 -18.73 -13.44 7.26
CA PRO B 55 -18.39 -14.71 7.84
C PRO B 55 -16.97 -14.83 8.35
N GLU B 56 -16.80 -15.65 9.37
CA GLU B 56 -15.49 -15.94 10.01
C GLU B 56 -14.83 -17.12 9.29
N PRO B 57 -13.49 -17.15 9.24
CA PRO B 57 -12.55 -16.19 9.77
C PRO B 57 -12.47 -14.94 8.93
N ARG B 58 -12.44 -13.80 9.63
CA ARG B 58 -12.46 -12.48 8.99
C ARG B 58 -11.33 -11.50 9.47
N TYR B 59 -10.54 -11.95 10.44
CA TYR B 59 -9.34 -11.31 10.89
C TYR B 59 -8.30 -12.35 11.10
N MET B 60 -7.05 -12.07 10.68
CA MET B 60 -5.88 -12.86 11.06
C MET B 60 -4.69 -11.99 11.20
N ALA B 61 -3.82 -12.35 12.13
CA ALA B 61 -2.60 -11.63 12.36
C ALA B 61 -1.42 -12.53 12.32
N PHE B 62 -0.29 -11.91 12.01
CA PHE B 62 0.99 -12.54 11.71
C PHE B 62 2.09 -11.62 12.21
N PRO B 63 3.33 -12.12 12.23
CA PRO B 63 4.39 -11.31 12.76
C PRO B 63 4.51 -9.92 12.14
N LEU B 64 4.21 -9.77 10.85
CA LEU B 64 4.32 -8.49 10.22
C LEU B 64 3.00 -7.68 10.17
N GLY B 65 1.90 -8.23 10.61
CA GLY B 65 0.69 -7.41 10.71
C GLY B 65 -0.56 -8.22 10.61
N SER B 66 -1.60 -7.63 10.07
CA SER B 66 -2.89 -8.26 10.11
C SER B 66 -3.60 -8.03 8.78
N ILE B 67 -4.58 -8.86 8.60
CA ILE B 67 -5.51 -8.69 7.50
C ILE B 67 -6.96 -8.88 8.01
N ASN B 68 -7.85 -8.08 7.47
CA ASN B 68 -9.25 -8.13 7.87
C ASN B 68 -10.27 -7.80 6.79
N SER B 69 -11.42 -8.47 6.88
CA SER B 69 -12.58 -8.05 6.15
C SER B 69 -13.74 -8.27 7.06
N MET B 70 -13.79 -7.47 8.09
CA MET B 70 -14.77 -7.67 9.13
C MET B 70 -16.18 -7.50 8.57
N GLY B 71 -16.38 -6.57 7.65
CA GLY B 71 -17.70 -6.25 7.16
C GLY B 71 -18.56 -5.39 8.06
N LEU B 72 -17.92 -4.53 8.83
CA LEU B 72 -18.58 -3.56 9.68
C LEU B 72 -19.58 -4.18 10.65
N PRO B 73 -19.17 -5.20 11.37
CA PRO B 73 -20.04 -5.72 12.40
C PRO B 73 -20.13 -4.68 13.48
N ASN B 74 -21.32 -4.36 13.96
CA ASN B 74 -21.42 -3.36 15.01
C ASN B 74 -22.80 -3.43 15.63
N LEU B 75 -22.92 -2.80 16.79
CA LEU B 75 -24.14 -2.89 17.57
C LEU B 75 -25.23 -1.88 17.11
N GLY B 76 -24.89 -1.08 16.12
CA GLY B 76 -25.80 -0.08 15.65
C GLY B 76 -25.67 1.26 16.35
N PHE B 77 -25.98 2.33 15.63
CA PHE B 77 -25.81 3.65 16.14
C PHE B 77 -26.51 3.91 17.47
N ASP B 78 -27.76 3.42 17.66
CA ASP B 78 -28.41 3.70 18.92
C ASP B 78 -27.63 3.24 20.15
N PHE B 79 -26.91 2.12 19.99
CA PHE B 79 -26.04 1.62 21.05
C PHE B 79 -24.88 2.57 21.35
N TYR B 80 -24.15 2.99 20.30
CA TYR B 80 -22.96 3.83 20.53
C TYR B 80 -23.38 5.21 21.05
N LEU B 81 -24.52 5.71 20.57
CA LEU B 81 -25.05 6.99 21.05
C LEU B 81 -25.42 6.92 22.52
N LYS B 82 -26.03 5.83 22.94
CA LYS B 82 -26.40 5.61 24.30
C LYS B 82 -25.17 5.48 25.16
N TYR B 83 -24.16 4.78 24.60
CA TYR B 83 -22.90 4.72 25.32
C TYR B 83 -22.30 6.11 25.55
N ALA B 84 -22.29 6.93 24.50
CA ALA B 84 -21.76 8.31 24.60
C ALA B 84 -22.60 9.21 25.58
N SER B 85 -23.91 8.98 25.55
N SER B 85 -23.91 9.02 25.55
CA SER B 85 -24.86 9.85 26.22
CA SER B 85 -24.81 9.92 26.26
C SER B 85 -25.01 9.50 27.70
C SER B 85 -25.02 9.51 27.72
N ASP B 86 -24.99 8.21 28.02
CA ASP B 86 -25.36 7.71 29.35
C ASP B 86 -24.31 6.90 30.06
N LEU B 87 -23.41 6.23 29.32
CA LEU B 87 -22.53 5.24 29.96
C LEU B 87 -21.08 5.66 30.11
N HIS B 88 -20.57 6.45 29.20
CA HIS B 88 -19.14 6.80 29.22
C HIS B 88 -18.85 7.73 30.36
N ASP B 89 -17.73 7.48 31.04
CA ASP B 89 -17.28 8.33 32.08
C ASP B 89 -16.26 9.34 31.53
N TYR B 90 -16.71 10.54 31.16
CA TYR B 90 -15.85 11.55 30.60
C TYR B 90 -14.73 12.07 31.54
N SER B 91 -14.88 11.80 32.81
CA SER B 91 -13.85 12.14 33.78
C SER B 91 -12.60 11.25 33.61
N LYS B 92 -12.76 10.10 32.97
CA LYS B 92 -11.65 9.19 32.75
C LYS B 92 -10.84 9.57 31.49
N LYS B 93 -11.53 9.92 30.37
CA LYS B 93 -10.84 10.30 29.09
C LYS B 93 -11.89 10.67 28.08
N PRO B 94 -11.45 11.37 27.03
CA PRO B 94 -12.33 11.69 25.97
C PRO B 94 -12.78 10.50 25.17
N LEU B 95 -13.94 10.66 24.54
CA LEU B 95 -14.52 9.65 23.67
C LEU B 95 -14.75 10.20 22.28
N PHE B 96 -14.30 9.43 21.26
CA PHE B 96 -14.58 9.62 19.88
C PHE B 96 -15.59 8.59 19.44
N LEU B 97 -16.62 8.98 18.70
CA LEU B 97 -17.55 8.04 18.15
C LEU B 97 -17.33 7.98 16.63
N SER B 98 -17.10 6.81 16.05
CA SER B 98 -16.89 6.64 14.64
C SER B 98 -18.17 6.25 13.95
N ILE B 99 -18.50 6.96 12.84
CA ILE B 99 -19.64 6.65 12.01
C ILE B 99 -19.24 6.22 10.64
N SER B 100 -19.90 5.21 10.08
CA SER B 100 -19.63 4.76 8.72
C SER B 100 -20.91 4.28 8.09
N GLY B 101 -21.79 5.24 7.84
CA GLY B 101 -23.01 4.90 7.11
C GLY B 101 -22.76 4.39 5.71
N LEU B 102 -23.75 3.63 5.18
CA LEU B 102 -23.69 3.04 3.82
C LEU B 102 -24.05 4.06 2.73
N SER B 103 -24.59 5.20 3.18
CA SER B 103 -24.90 6.34 2.29
C SER B 103 -24.74 7.63 3.00
N VAL B 104 -24.75 8.67 2.19
CA VAL B 104 -24.72 9.96 2.71
C VAL B 104 -25.95 10.24 3.58
N GLU B 105 -27.14 9.76 3.16
CA GLU B 105 -28.31 10.00 3.98
C GLU B 105 -28.29 9.40 5.35
N GLU B 106 -27.72 8.20 5.39
CA GLU B 106 -27.54 7.50 6.66
C GLU B 106 -26.57 8.25 7.58
N ASN B 107 -25.43 8.69 7.04
CA ASN B 107 -24.51 9.58 7.82
C ASN B 107 -25.19 10.85 8.32
N VAL B 108 -26.02 11.53 7.47
CA VAL B 108 -26.69 12.73 7.90
C VAL B 108 -27.65 12.43 9.04
N ALA B 109 -28.38 11.34 8.91
CA ALA B 109 -29.32 10.96 9.92
C ALA B 109 -28.68 10.69 11.28
N MET B 110 -27.54 10.01 11.23
CA MET B 110 -26.83 9.74 12.47
C MET B 110 -26.21 11.02 13.03
N VAL B 111 -25.56 11.88 12.21
CA VAL B 111 -24.91 13.03 12.78
C VAL B 111 -25.93 14.06 13.38
N ARG B 112 -27.15 14.11 12.79
CA ARG B 112 -28.18 15.05 13.34
C ARG B 112 -28.50 14.65 14.75
N ARG B 113 -28.48 13.34 15.01
CA ARG B 113 -28.81 12.86 16.37
C ARG B 113 -27.63 12.95 17.33
N LEU B 114 -26.39 12.87 16.77
CA LEU B 114 -25.20 12.95 17.60
C LEU B 114 -24.95 14.37 18.07
N ALA B 115 -25.24 15.39 17.23
CA ALA B 115 -24.99 16.78 17.54
C ALA B 115 -25.34 17.23 18.94
N PRO B 116 -26.64 16.98 19.36
CA PRO B 116 -26.90 17.38 20.76
C PRO B 116 -26.12 16.70 21.86
N VAL B 117 -25.77 15.44 21.64
CA VAL B 117 -24.91 14.73 22.56
C VAL B 117 -23.46 15.26 22.59
N ALA B 118 -22.92 15.59 21.40
CA ALA B 118 -21.63 16.29 21.27
C ALA B 118 -21.68 17.61 22.02
N GLN B 119 -22.78 18.36 21.87
CA GLN B 119 -22.87 19.60 22.61
C GLN B 119 -22.91 19.33 24.09
N GLU B 120 -23.73 18.39 24.53
CA GLU B 120 -23.97 18.24 25.96
C GLU B 120 -22.79 17.53 26.68
N LYS B 121 -22.22 16.50 26.04
CA LYS B 121 -21.24 15.61 26.67
C LYS B 121 -19.80 15.82 26.14
N GLY B 122 -19.67 16.35 24.94
CA GLY B 122 -18.37 16.56 24.34
C GLY B 122 -17.78 15.35 23.62
N VAL B 123 -18.56 14.31 23.38
CA VAL B 123 -18.14 13.25 22.48
C VAL B 123 -17.73 13.88 21.12
N LEU B 124 -16.70 13.29 20.51
CA LEU B 124 -16.13 13.78 19.28
C LEU B 124 -16.45 12.83 18.14
N LEU B 125 -16.80 13.35 16.99
CA LEU B 125 -17.15 12.54 15.81
C LEU B 125 -15.90 12.30 14.92
N GLU B 126 -15.67 11.03 14.62
CA GLU B 126 -14.78 10.60 13.55
C GLU B 126 -15.58 9.96 12.46
N LEU B 127 -15.61 10.61 11.25
CA LEU B 127 -16.34 10.12 10.16
C LEU B 127 -15.47 9.24 9.29
N ASN B 128 -15.82 7.97 9.19
CA ASN B 128 -15.02 7.01 8.39
C ASN B 128 -15.43 7.10 6.93
N LEU B 129 -14.53 7.61 6.10
CA LEU B 129 -14.75 7.74 4.62
C LEU B 129 -14.37 6.57 3.78
N SER B 130 -14.01 5.45 4.40
CA SER B 130 -13.83 4.16 3.72
C SER B 130 -15.13 3.41 3.69
N CYS B 131 -16.10 4.00 3.03
CA CYS B 131 -17.46 3.51 3.17
C CYS B 131 -18.03 3.36 1.76
N PRO B 132 -19.15 2.62 1.69
CA PRO B 132 -19.83 2.25 0.44
C PRO B 132 -20.17 3.43 -0.46
N ASN B 133 -20.02 3.21 -1.76
CA ASN B 133 -20.26 4.28 -2.71
C ASN B 133 -21.27 3.78 -3.76
N VAL B 134 -21.55 4.61 -4.77
CA VAL B 134 -22.52 4.22 -5.80
C VAL B 134 -21.92 3.17 -6.78
N PRO B 135 -22.77 2.52 -7.61
CA PRO B 135 -22.28 1.50 -8.58
C PRO B 135 -21.13 1.95 -9.46
N GLY B 136 -20.13 1.05 -9.61
CA GLY B 136 -18.93 1.29 -10.45
C GLY B 136 -17.79 1.98 -9.74
N LYS B 137 -18.07 2.44 -8.52
CA LYS B 137 -17.26 3.50 -7.94
C LYS B 137 -16.45 2.92 -6.80
N PRO B 138 -15.30 3.51 -6.57
CA PRO B 138 -14.47 3.05 -5.49
C PRO B 138 -14.97 3.60 -4.18
N GLN B 139 -14.25 3.34 -3.09
CA GLN B 139 -14.69 3.78 -1.78
C GLN B 139 -14.75 5.30 -1.88
N VAL B 140 -15.61 5.86 -1.03
CA VAL B 140 -15.85 7.29 -1.07
C VAL B 140 -14.60 8.13 -1.08
N ALA B 141 -13.65 7.82 -0.19
CA ALA B 141 -12.48 8.72 -0.16
C ALA B 141 -11.60 8.63 -1.35
N TYR B 142 -11.85 7.63 -2.23
CA TYR B 142 -11.13 7.53 -3.49
C TYR B 142 -11.91 8.12 -4.73
N ASP B 143 -13.07 8.70 -4.41
CA ASP B 143 -13.95 9.41 -5.37
C ASP B 143 -14.12 10.82 -4.78
N PHE B 144 -13.33 11.74 -5.25
CA PHE B 144 -13.18 13.03 -4.60
C PHE B 144 -14.49 13.82 -4.74
N GLU B 145 -15.29 13.58 -5.78
CA GLU B 145 -16.53 14.33 -5.81
C GLU B 145 -17.52 13.73 -4.81
N ALA B 146 -17.54 12.43 -4.56
CA ALA B 146 -18.39 11.90 -3.51
C ALA B 146 -17.95 12.37 -2.12
N MET B 147 -16.61 12.33 -1.94
CA MET B 147 -16.05 12.84 -0.68
C MET B 147 -16.50 14.27 -0.38
N ARG B 148 -16.41 15.14 -1.38
CA ARG B 148 -16.87 16.52 -1.22
C ARG B 148 -18.37 16.56 -0.77
N THR B 149 -19.20 15.77 -1.43
CA THR B 149 -20.63 15.65 -1.06
C THR B 149 -20.89 15.15 0.34
N TYR B 150 -20.16 14.09 0.74
CA TYR B 150 -20.33 13.61 2.08
C TYR B 150 -19.99 14.75 3.07
N LEU B 151 -18.88 15.45 2.86
CA LEU B 151 -18.41 16.40 3.81
C LEU B 151 -19.32 17.63 3.84
N GLN B 152 -19.82 17.99 2.66
CA GLN B 152 -20.81 19.10 2.63
C GLN B 152 -22.05 18.77 3.43
N GLN B 153 -22.59 17.60 3.18
CA GLN B 153 -23.87 17.17 3.82
C GLN B 153 -23.68 16.95 5.31
N VAL B 154 -22.53 16.32 5.70
CA VAL B 154 -22.28 16.14 7.13
C VAL B 154 -21.99 17.45 7.82
N SER B 155 -21.25 18.33 7.19
CA SER B 155 -20.95 19.60 7.80
C SER B 155 -22.26 20.34 8.11
N LEU B 156 -23.15 20.35 7.12
CA LEU B 156 -24.42 21.10 7.27
C LEU B 156 -25.29 20.48 8.40
N ALA B 157 -25.33 19.16 8.39
CA ALA B 157 -26.19 18.39 9.29
C ALA B 157 -25.70 18.45 10.69
N TYR B 158 -24.37 18.37 10.90
CA TYR B 158 -23.82 18.29 12.18
C TYR B 158 -23.52 19.63 12.82
N GLY B 159 -22.86 20.50 12.04
CA GLY B 159 -22.64 21.84 12.48
C GLY B 159 -21.60 22.10 13.51
N LEU B 160 -20.84 21.06 13.89
CA LEU B 160 -19.86 21.14 14.96
C LEU B 160 -18.53 20.56 14.43
N PRO B 161 -17.42 20.93 15.08
CA PRO B 161 -16.10 20.36 14.63
C PRO B 161 -16.14 18.83 14.67
N PHE B 162 -15.52 18.25 13.67
CA PHE B 162 -15.44 16.77 13.56
C PHE B 162 -14.14 16.41 12.82
N GLY B 163 -13.88 15.11 12.76
CA GLY B 163 -12.77 14.56 12.04
C GLY B 163 -13.15 13.54 11.02
N VAL B 164 -12.18 13.18 10.16
CA VAL B 164 -12.36 12.23 9.14
C VAL B 164 -11.25 11.20 9.18
N LYS B 165 -11.64 9.94 9.05
CA LYS B 165 -10.70 8.82 8.93
C LYS B 165 -10.53 8.55 7.42
N MET B 166 -9.26 8.60 7.00
CA MET B 166 -8.86 8.51 5.57
C MET B 166 -8.19 7.18 5.29
N PRO B 167 -8.45 6.59 4.11
CA PRO B 167 -7.58 5.57 3.60
C PRO B 167 -6.31 6.14 3.14
N PRO B 168 -5.27 5.26 2.99
CA PRO B 168 -4.02 5.76 2.44
C PRO B 168 -4.12 6.13 0.97
N TYR B 169 -3.33 7.13 0.62
CA TYR B 169 -3.06 7.48 -0.78
C TYR B 169 -1.60 7.21 -1.13
N PHE B 170 -1.36 7.06 -2.42
CA PHE B 170 -0.09 6.57 -2.95
C PHE B 170 0.51 7.38 -4.07
N ASP B 171 -0.05 8.54 -4.27
CA ASP B 171 0.23 9.35 -5.42
C ASP B 171 0.16 10.83 -4.94
N ILE B 172 1.19 11.61 -5.26
CA ILE B 172 1.26 13.01 -4.75
C ILE B 172 0.10 13.85 -5.28
N ALA B 173 -0.33 13.60 -6.51
CA ALA B 173 -1.48 14.37 -7.01
C ALA B 173 -2.73 14.03 -6.23
N HIS B 174 -2.85 12.79 -5.75
CA HIS B 174 -4.01 12.43 -4.91
C HIS B 174 -3.92 13.11 -3.57
N PHE B 175 -2.74 13.12 -2.98
CA PHE B 175 -2.57 13.90 -1.73
C PHE B 175 -3.05 15.36 -1.95
N ASP B 176 -2.57 15.96 -3.03
CA ASP B 176 -2.94 17.36 -3.30
C ASP B 176 -4.47 17.49 -3.46
N THR B 177 -5.14 16.60 -4.16
CA THR B 177 -6.57 16.74 -4.40
C THR B 177 -7.33 16.48 -3.10
N ALA B 178 -6.89 15.47 -2.36
CA ALA B 178 -7.66 15.08 -1.22
C ALA B 178 -7.55 16.15 -0.18
N ALA B 179 -6.34 16.69 0.07
CA ALA B 179 -6.17 17.73 1.06
C ALA B 179 -6.93 19.01 0.67
N ALA B 180 -7.01 19.29 -0.61
CA ALA B 180 -7.77 20.48 -1.07
C ALA B 180 -9.20 20.24 -0.78
N VAL B 181 -9.74 19.05 -1.04
CA VAL B 181 -11.17 18.78 -0.60
C VAL B 181 -11.36 19.06 0.89
N LEU B 182 -10.51 18.47 1.74
CA LEU B 182 -10.66 18.62 3.12
C LEU B 182 -10.61 20.03 3.63
N ASN B 183 -9.74 20.82 3.01
CA ASN B 183 -9.52 22.20 3.42
C ASN B 183 -10.70 23.09 2.95
N GLU B 184 -11.64 22.53 2.22
CA GLU B 184 -12.93 23.27 1.87
C GLU B 184 -13.81 23.32 3.05
N PHE B 185 -13.57 22.46 4.06
CA PHE B 185 -14.49 22.28 5.19
C PHE B 185 -13.90 22.71 6.48
N PRO B 186 -14.21 23.91 6.96
CA PRO B 186 -13.66 24.35 8.19
C PRO B 186 -14.00 23.56 9.44
N LEU B 187 -15.11 22.83 9.40
CA LEU B 187 -15.49 22.04 10.57
C LEU B 187 -14.67 20.76 10.64
N VAL B 188 -13.93 20.45 9.56
CA VAL B 188 -13.10 19.20 9.63
C VAL B 188 -11.83 19.61 10.37
N LYS B 189 -11.72 19.32 11.66
CA LYS B 189 -10.66 19.84 12.51
C LYS B 189 -9.51 18.81 12.68
N PHE B 190 -9.80 17.56 12.36
CA PHE B 190 -8.71 16.53 12.45
C PHE B 190 -8.91 15.52 11.35
N VAL B 191 -7.78 14.98 10.85
CA VAL B 191 -7.76 14.04 9.79
C VAL B 191 -7.00 12.84 10.44
N THR B 192 -7.55 11.66 10.36
CA THR B 192 -6.85 10.48 10.88
C THR B 192 -6.32 9.71 9.67
N CYS B 193 -5.00 9.58 9.64
CA CYS B 193 -4.28 8.93 8.54
C CYS B 193 -3.51 7.76 9.18
N VAL B 194 -3.81 6.47 8.95
CA VAL B 194 -4.60 5.92 7.89
C VAL B 194 -5.44 4.75 8.34
N ASN B 195 -6.51 4.53 7.56
CA ASN B 195 -7.20 3.25 7.58
C ASN B 195 -6.30 2.14 7.01
N SER B 196 -6.74 0.90 7.08
CA SER B 196 -5.96 -0.21 6.50
C SER B 196 -5.69 -0.04 5.05
N VAL B 197 -4.57 -0.58 4.67
CA VAL B 197 -4.15 -0.57 3.23
C VAL B 197 -5.05 -1.62 2.49
N GLY B 198 -5.86 -1.16 1.56
CA GLY B 198 -6.94 -1.92 1.04
C GLY B 198 -6.55 -3.15 0.21
N ASN B 199 -7.34 -4.19 0.38
CA ASN B 199 -7.33 -5.35 -0.51
C ASN B 199 -5.92 -5.93 -0.75
N GLY B 200 -5.24 -6.24 0.34
CA GLY B 200 -4.13 -7.15 0.28
C GLY B 200 -4.63 -8.59 0.34
N LEU B 201 -3.68 -9.52 0.25
CA LEU B 201 -4.00 -10.95 0.17
C LEU B 201 -2.88 -11.68 0.84
N VAL B 202 -3.25 -12.38 1.92
CA VAL B 202 -2.32 -13.22 2.63
C VAL B 202 -2.65 -14.69 2.32
N ILE B 203 -1.62 -15.44 1.94
CA ILE B 203 -1.71 -16.83 1.57
C ILE B 203 -0.81 -17.62 2.51
N ASP B 204 -1.37 -18.73 3.01
CA ASP B 204 -0.65 -19.67 3.84
C ASP B 204 0.02 -20.73 2.93
N ALA B 205 1.33 -20.84 2.99
CA ALA B 205 2.02 -21.76 2.12
C ALA B 205 1.68 -23.23 2.38
N GLU B 206 1.58 -23.61 3.64
CA GLU B 206 1.32 -25.03 3.90
C GLU B 206 -0.02 -25.52 3.39
N SER B 207 -1.04 -24.74 3.65
CA SER B 207 -2.37 -25.09 3.25
C SER B 207 -2.73 -24.70 1.83
N GLU B 208 -1.92 -23.83 1.26
CA GLU B 208 -2.14 -23.27 -0.06
C GLU B 208 -3.44 -22.47 -0.15
N SER B 209 -3.82 -21.87 0.98
CA SER B 209 -5.09 -21.23 1.06
C SER B 209 -4.94 -19.80 1.53
N VAL B 210 -5.87 -18.96 1.14
CA VAL B 210 -6.06 -17.70 1.77
C VAL B 210 -6.49 -17.88 3.22
N VAL B 211 -6.37 -16.82 4.05
CA VAL B 211 -6.52 -16.99 5.50
C VAL B 211 -7.77 -16.35 6.12
N ILE B 212 -8.48 -15.56 5.36
CA ILE B 212 -9.78 -15.05 5.68
C ILE B 212 -10.82 -15.46 4.61
N LYS B 213 -12.03 -15.70 5.10
CA LYS B 213 -13.11 -16.23 4.30
C LYS B 213 -13.77 -15.23 3.33
N PRO B 214 -14.08 -14.03 3.78
CA PRO B 214 -14.74 -13.07 2.86
C PRO B 214 -13.86 -12.70 1.67
N LYS B 215 -14.52 -12.23 0.62
CA LYS B 215 -13.82 -11.60 -0.47
C LYS B 215 -12.68 -12.42 -1.04
N GLN B 216 -12.83 -13.74 -1.04
CA GLN B 216 -11.78 -14.63 -1.60
C GLN B 216 -10.42 -14.38 -0.97
N GLY B 217 -10.41 -13.90 0.27
CA GLY B 217 -9.24 -13.75 1.05
C GLY B 217 -8.69 -12.35 1.04
N PHE B 218 -9.27 -11.46 0.26
CA PHE B 218 -8.75 -10.08 0.16
C PHE B 218 -9.25 -9.25 1.35
N GLY B 219 -8.38 -8.42 1.94
CA GLY B 219 -8.74 -7.61 3.09
C GLY B 219 -7.73 -6.54 3.37
N GLY B 220 -8.10 -5.65 4.26
CA GLY B 220 -7.27 -4.53 4.59
C GLY B 220 -6.13 -4.99 5.47
N LEU B 221 -4.98 -4.39 5.19
CA LEU B 221 -3.73 -4.67 5.91
C LEU B 221 -3.50 -3.61 6.97
N GLY B 222 -3.04 -4.13 8.10
CA GLY B 222 -2.51 -3.30 9.15
C GLY B 222 -1.21 -3.84 9.72
N GLY B 223 -0.62 -3.07 10.62
CA GLY B 223 0.59 -3.48 11.28
C GLY B 223 1.88 -3.06 10.64
N LYS B 224 2.90 -3.89 10.80
CA LYS B 224 4.22 -3.49 10.35
C LYS B 224 4.30 -3.27 8.87
N TYR B 225 3.50 -3.97 8.08
CA TYR B 225 3.51 -3.76 6.69
C TYR B 225 3.28 -2.29 6.26
N ILE B 226 2.53 -1.56 7.11
CA ILE B 226 1.99 -0.30 6.64
C ILE B 226 2.58 0.96 7.24
N LEU B 227 3.60 0.81 8.08
CA LEU B 227 4.14 1.96 8.82
C LEU B 227 4.67 3.03 7.90
N PRO B 228 5.51 2.69 6.87
CA PRO B 228 5.96 3.83 6.00
C PRO B 228 4.86 4.51 5.19
N THR B 229 3.87 3.73 4.81
CA THR B 229 2.65 4.26 4.17
C THR B 229 1.94 5.26 5.12
N ALA B 230 1.75 4.83 6.33
CA ALA B 230 1.05 5.63 7.32
C ALA B 230 1.81 6.91 7.63
N LEU B 231 3.15 6.84 7.80
CA LEU B 231 3.98 7.99 8.01
C LEU B 231 3.90 8.98 6.86
N ALA B 232 3.85 8.47 5.64
CA ALA B 232 3.75 9.33 4.45
C ALA B 232 2.46 10.04 4.43
N ASN B 233 1.36 9.37 4.75
CA ASN B 233 0.08 10.05 4.71
C ASN B 233 -0.02 11.07 5.81
N VAL B 234 0.39 10.70 7.00
CA VAL B 234 0.41 11.64 8.11
C VAL B 234 1.16 12.92 7.67
N ASN B 235 2.35 12.77 7.18
CA ASN B 235 3.16 13.95 6.90
C ASN B 235 2.57 14.72 5.70
N ALA B 236 2.04 14.00 4.69
CA ALA B 236 1.51 14.69 3.51
C ALA B 236 0.37 15.58 3.93
N PHE B 237 -0.53 15.08 4.81
CA PHE B 237 -1.68 15.87 5.23
C PHE B 237 -1.27 16.92 6.26
N TYR B 238 -0.28 16.65 7.10
CA TYR B 238 0.26 17.62 8.05
C TYR B 238 0.75 18.81 7.26
N ARG B 239 1.48 18.56 6.18
CA ARG B 239 2.00 19.66 5.34
C ARG B 239 0.86 20.45 4.62
N ARG B 240 -0.16 19.75 4.22
CA ARG B 240 -1.21 20.34 3.32
C ARG B 240 -2.36 20.95 4.08
N CYS B 241 -2.46 20.59 5.34
CA CYS B 241 -3.64 21.04 6.16
C CYS B 241 -3.15 21.72 7.43
N PRO B 242 -2.57 22.93 7.28
CA PRO B 242 -2.00 23.54 8.44
C PRO B 242 -2.94 24.01 9.50
N ASP B 243 -4.22 24.21 9.16
CA ASP B 243 -5.24 24.57 10.10
C ASP B 243 -6.00 23.39 10.70
N LYS B 244 -5.56 22.15 10.46
CA LYS B 244 -6.18 20.99 11.00
C LYS B 244 -5.18 20.19 11.81
N LEU B 245 -5.64 19.34 12.70
CA LEU B 245 -4.79 18.38 13.35
C LEU B 245 -4.72 17.14 12.45
N VAL B 246 -3.62 16.33 12.61
CA VAL B 246 -3.54 15.03 12.02
C VAL B 246 -3.38 14.06 13.10
N PHE B 247 -4.13 12.97 13.05
CA PHE B 247 -4.06 11.82 13.98
C PHE B 247 -3.37 10.71 13.20
N GLY B 248 -2.31 10.08 13.75
CA GLY B 248 -1.63 9.03 13.03
C GLY B 248 -2.15 7.71 13.45
N CYS B 249 -2.30 6.84 12.48
CA CYS B 249 -2.66 5.48 12.72
C CYS B 249 -1.93 4.62 11.68
N GLY B 250 -1.33 3.52 12.12
CA GLY B 250 -0.80 2.52 11.20
C GLY B 250 0.57 2.10 11.62
N GLY B 251 0.68 0.84 12.02
CA GLY B 251 1.98 0.29 12.28
C GLY B 251 2.63 0.64 13.56
N VAL B 252 1.83 1.12 14.54
CA VAL B 252 2.42 1.47 15.84
C VAL B 252 2.49 0.20 16.69
N TYR B 253 3.71 -0.22 17.07
CA TYR B 253 3.93 -1.31 18.01
C TYR B 253 4.77 -0.87 19.17
N SER B 254 5.39 0.29 19.08
CA SER B 254 6.37 0.74 20.12
C SER B 254 6.32 2.20 20.27
N GLY B 255 6.94 2.69 21.31
CA GLY B 255 7.07 4.10 21.48
C GLY B 255 7.88 4.75 20.37
N GLU B 256 8.85 4.03 19.86
CA GLU B 256 9.61 4.52 18.75
C GLU B 256 8.74 4.73 17.53
N ASP B 257 7.85 3.80 17.28
CA ASP B 257 6.92 3.98 16.14
C ASP B 257 6.01 5.22 16.37
N ALA B 258 5.55 5.35 17.61
CA ALA B 258 4.72 6.56 17.96
C ALA B 258 5.53 7.87 17.76
N PHE B 259 6.79 7.82 18.19
CA PHE B 259 7.73 8.92 17.99
C PHE B 259 7.84 9.37 16.54
N LEU B 260 7.91 8.37 15.63
CA LEU B 260 8.01 8.63 14.21
C LEU B 260 6.69 9.25 13.69
N HIS B 261 5.55 8.72 14.16
CA HIS B 261 4.25 9.31 13.79
C HIS B 261 4.19 10.81 14.19
N ILE B 262 4.66 11.13 15.41
CA ILE B 262 4.59 12.46 15.93
C ILE B 262 5.55 13.35 15.15
N LEU B 263 6.75 12.86 14.87
CA LEU B 263 7.71 13.60 14.07
C LEU B 263 7.14 13.93 12.70
N ALA B 264 6.34 12.99 12.13
CA ALA B 264 5.66 13.24 10.84
C ALA B 264 4.53 14.20 10.97
N GLY B 265 4.00 14.46 12.17
CA GLY B 265 2.97 15.52 12.34
C GLY B 265 1.79 15.08 13.22
N ALA B 266 1.78 13.85 13.73
CA ALA B 266 0.66 13.30 14.48
C ALA B 266 0.46 13.99 15.82
N SER B 267 -0.79 14.34 16.07
CA SER B 267 -1.19 14.84 17.39
C SER B 267 -1.65 13.71 18.30
N MET B 268 -2.58 12.89 17.89
CA MET B 268 -2.93 11.68 18.65
C MET B 268 -2.33 10.52 17.78
N VAL B 269 -2.09 9.35 18.39
CA VAL B 269 -1.50 8.19 17.75
C VAL B 269 -2.46 7.03 18.13
N GLN B 270 -3.00 6.39 17.08
CA GLN B 270 -3.95 5.33 17.28
C GLN B 270 -3.22 3.99 17.11
N VAL B 271 -3.72 2.96 17.80
CA VAL B 271 -3.09 1.66 17.79
C VAL B 271 -4.16 0.61 17.45
N GLY B 272 -3.99 -0.11 16.34
CA GLY B 272 -4.95 -1.06 15.82
C GLY B 272 -4.40 -2.45 16.09
N THR B 273 -3.76 -3.00 15.05
CA THR B 273 -3.23 -4.39 15.09
C THR B 273 -2.48 -4.70 16.37
N ALA B 274 -1.55 -3.86 16.74
CA ALA B 274 -0.70 -4.23 17.90
C ALA B 274 -1.55 -4.32 19.23
N LEU B 275 -2.57 -3.53 19.29
CA LEU B 275 -3.55 -3.51 20.38
C LEU B 275 -4.39 -4.80 20.35
N GLN B 276 -4.85 -5.16 19.19
CA GLN B 276 -5.58 -6.42 18.99
C GLN B 276 -4.72 -7.60 19.43
N GLU B 277 -3.45 -7.55 19.15
CA GLU B 277 -2.55 -8.64 19.45
C GLU B 277 -2.08 -8.68 20.85
N GLU B 278 -1.82 -7.53 21.47
CA GLU B 278 -1.13 -7.45 22.78
C GLU B 278 -2.13 -7.22 23.91
N GLY B 279 -3.24 -6.56 23.59
CA GLY B 279 -4.22 -6.18 24.55
C GLY B 279 -3.91 -4.81 25.16
N PRO B 280 -4.78 -4.28 26.00
CA PRO B 280 -4.75 -2.90 26.48
C PRO B 280 -3.57 -2.51 27.38
N GLY B 281 -2.87 -3.53 27.87
CA GLY B 281 -1.60 -3.28 28.51
C GLY B 281 -0.56 -2.60 27.64
N ILE B 282 -0.73 -2.69 26.31
CA ILE B 282 0.17 -2.04 25.43
C ILE B 282 0.30 -0.57 25.76
N PHE B 283 -0.76 0.07 26.25
CA PHE B 283 -0.75 1.53 26.43
C PHE B 283 0.26 1.95 27.49
N THR B 284 0.47 1.16 28.54
CA THR B 284 1.49 1.57 29.46
C THR B 284 2.87 1.44 28.91
N ARG B 285 3.14 0.41 28.12
CA ARG B 285 4.38 0.20 27.45
C ARG B 285 4.65 1.27 26.46
N LEU B 286 3.70 1.63 25.62
CA LEU B 286 3.93 2.69 24.69
C LEU B 286 4.27 4.03 25.33
N GLU B 287 3.58 4.38 26.42
CA GLU B 287 3.84 5.61 27.14
C GLU B 287 5.25 5.60 27.68
N ASP B 288 5.63 4.48 28.28
CA ASP B 288 6.97 4.43 28.90
C ASP B 288 8.04 4.54 27.87
N GLU B 289 7.86 3.81 26.74
CA GLU B 289 8.81 3.84 25.69
C GLU B 289 8.92 5.24 25.06
N LEU B 290 7.78 5.89 24.83
CA LEU B 290 7.82 7.23 24.22
C LEU B 290 8.56 8.20 25.19
N LEU B 291 8.21 8.10 26.47
CA LEU B 291 8.88 9.01 27.43
C LEU B 291 10.37 8.72 27.48
N GLU B 292 10.79 7.46 27.34
CA GLU B 292 12.18 7.10 27.38
C GLU B 292 12.96 7.67 26.20
N ILE B 293 12.40 7.62 25.02
CA ILE B 293 13.02 8.20 23.84
C ILE B 293 13.08 9.73 23.95
N MET B 294 12.04 10.35 24.49
CA MET B 294 12.00 11.82 24.69
C MET B 294 13.17 12.15 25.65
N ALA B 295 13.24 11.41 26.75
CA ALA B 295 14.30 11.71 27.77
C ALA B 295 15.68 11.58 27.18
N ARG B 296 15.90 10.56 26.36
CA ARG B 296 17.26 10.30 25.86
C ARG B 296 17.56 11.50 24.94
N LYS B 297 16.55 12.03 24.22
CA LYS B 297 16.80 13.15 23.31
C LYS B 297 16.77 14.59 23.91
N GLY B 298 16.33 14.67 25.14
CA GLY B 298 16.12 15.91 25.79
C GLY B 298 14.84 16.60 25.46
N TYR B 299 13.85 15.90 24.95
CA TYR B 299 12.57 16.55 24.66
C TYR B 299 11.69 16.53 25.89
N ARG B 300 11.10 17.63 26.26
CA ARG B 300 10.21 17.67 27.38
C ARG B 300 8.74 17.70 26.99
N THR B 301 8.46 18.03 25.74
CA THR B 301 7.13 18.13 25.25
C THR B 301 7.01 17.47 23.87
N LEU B 302 5.79 17.10 23.54
CA LEU B 302 5.50 16.63 22.22
C LEU B 302 5.61 17.74 21.20
N GLU B 303 5.22 18.93 21.60
CA GLU B 303 5.21 19.96 20.61
C GLU B 303 6.61 20.36 20.20
N GLU B 304 7.63 19.98 20.95
CA GLU B 304 8.99 20.32 20.56
C GLU B 304 9.39 19.66 19.27
N PHE B 305 8.83 18.50 19.01
CA PHE B 305 9.24 17.65 17.85
C PHE B 305 8.09 17.31 16.92
N ARG B 306 6.83 17.63 17.24
CA ARG B 306 5.75 17.21 16.32
C ARG B 306 5.92 17.94 14.99
N GLY B 307 5.90 17.16 13.92
CA GLY B 307 6.02 17.71 12.63
C GLY B 307 7.40 18.11 12.23
N ARG B 308 8.38 17.80 13.06
CA ARG B 308 9.72 18.33 12.80
C ARG B 308 10.67 17.33 12.18
N VAL B 309 10.13 16.35 11.50
CA VAL B 309 10.94 15.43 10.67
C VAL B 309 11.82 16.26 9.77
N LYS B 310 13.06 15.91 9.79
CA LYS B 310 14.02 16.57 8.93
C LYS B 310 14.11 16.04 7.51
N THR B 311 14.27 16.91 6.51
CA THR B 311 14.51 16.43 5.12
C THR B 311 15.98 16.65 4.81
N ILE B 312 16.45 16.10 3.71
CA ILE B 312 17.87 16.17 3.35
C ILE B 312 18.00 17.25 2.29
N GLU B 313 18.87 18.23 2.57
CA GLU B 313 19.10 19.44 1.76
C GLU B 313 17.82 20.21 1.51
OAA W7H C . 12.62 5.93 -9.53
CAP W7H C . 12.63 5.11 -10.46
OAD W7H C . 13.44 5.15 -11.38
CAS W7H C . 11.57 4.05 -10.42
NAN W7H C . 11.43 3.48 -9.13
CAT W7H C . 10.51 2.50 -8.89
OAB W7H C . 10.37 2.04 -7.76
NAO W7H C . 9.71 2.15 -9.96
CAU W7H C . 9.70 2.78 -11.22
OAC W7H C . 8.96 2.37 -12.13
CAR W7H C . 10.75 3.73 -11.44
CAM W7H C . 10.80 4.37 -12.69
CAL W7H C . 9.55 5.38 -12.88
CAQ W7H C . 9.83 6.61 -12.20
CAK W7H C . 10.27 7.74 -12.90
CAW W7H C . 10.57 8.94 -12.15
CAI W7H C . 11.04 10.09 -12.82
CAF W7H C . 11.36 11.23 -12.09
CAE W7H C . 11.19 11.31 -10.71
CAH W7H C . 10.68 10.21 -10.04
CAV W7H C . 10.42 9.02 -10.77
CAJ W7H C . 9.94 7.89 -10.12
CAG W7H C . 9.64 6.72 -10.82
C1 GOL D . 27.58 -13.05 -12.32
C1 GOL D . 28.09 -13.52 -11.93
O1 GOL D . 28.56 -11.98 -12.28
O1 GOL D . 28.45 -12.14 -12.15
C2 GOL D . 27.35 -13.69 -10.94
C2 GOL D . 26.83 -13.74 -11.08
O2 GOL D . 28.56 -14.29 -10.51
O2 GOL D . 25.72 -13.58 -11.89
C3 GOL D . 26.29 -14.79 -11.00
C3 GOL D . 26.79 -15.13 -10.45
O3 GOL D . 25.71 -15.19 -9.73
O3 GOL D . 25.63 -15.34 -9.62
C1 GOL E . -12.19 -9.52 -3.94
O1 GOL E . -13.58 -9.53 -3.66
C2 GOL E . -12.08 -9.86 -5.43
O2 GOL E . -12.51 -8.76 -6.21
C3 GOL E . -10.69 -10.23 -5.87
O3 GOL E . -10.76 -10.69 -7.23
C1 GOL F . 4.87 15.30 0.13
O1 GOL F . 4.37 16.48 0.75
C2 GOL F . 5.72 15.73 -1.14
O2 GOL F . 4.72 16.31 -2.03
C3 GOL F . 6.56 14.60 -1.83
O3 GOL F . 7.20 15.24 -2.96
C1 GOL G . -8.12 -17.08 -14.73
O1 GOL G . -8.52 -17.72 -13.51
C2 GOL G . -7.84 -18.12 -15.82
O2 GOL G . -7.36 -19.32 -15.22
C3 GOL G . -6.81 -17.62 -16.84
O3 GOL G . -5.59 -18.35 -16.99
C1 GOL H . 6.90 5.00 -8.86
O1 GOL H . 8.15 4.42 -8.40
C2 GOL H . 5.74 4.38 -8.06
O2 GOL H . 6.26 4.12 -6.74
C3 GOL H . 5.27 3.00 -8.64
O3 GOL H . 4.04 2.40 -8.14
C1 GOL I . 3.14 -21.25 -19.48
O1 GOL I . 1.79 -20.76 -19.51
C2 GOL I . 3.28 -22.66 -18.89
O2 GOL I . 2.09 -23.48 -18.85
C3 GOL I . 4.27 -23.52 -19.69
O3 GOL I . 5.47 -23.63 -19.05
C1 GOL J . 15.61 4.13 9.08
O1 GOL J . 17.01 4.25 9.50
C2 GOL J . 14.57 3.32 9.89
O2 GOL J . 15.33 2.83 10.93
C3 GOL J . 13.80 2.18 9.22
O3 GOL J . 13.08 1.30 10.11
C1 GOL K . 21.72 1.22 -4.60
O1 GOL K . 22.55 2.13 -3.88
C2 GOL K . 21.18 1.74 -5.92
O2 GOL K . 21.67 3.05 -6.12
C3 GOL K . 21.68 0.88 -7.08
O3 GOL K . 20.99 1.15 -8.31
C1 GOL L . 18.88 -5.26 6.41
O1 GOL L . 18.49 -4.09 7.09
C2 GOL L . 19.14 -4.76 5.02
O2 GOL L . 20.15 -3.75 4.84
C3 GOL L . 19.71 -5.93 4.30
O3 GOL L . 19.43 -5.58 2.98
N1 FMN M . 10.27 -0.73 -11.73
C2 FMN M . 10.25 -0.47 -13.09
O2 FMN M . 9.33 -1.00 -13.72
N3 FMN M . 11.23 0.21 -13.72
C4 FMN M . 12.34 0.66 -13.07
O4 FMN M . 13.29 1.30 -13.66
C4A FMN M . 12.43 0.48 -11.66
N5 FMN M . 13.49 0.93 -10.96
C5A FMN M . 13.67 0.53 -9.63
C6 FMN M . 14.88 0.84 -8.99
C7 FMN M . 15.03 0.47 -7.67
C7M FMN M . 16.27 0.76 -6.93
C8 FMN M . 14.00 -0.33 -7.04
C8M FMN M . 14.18 -0.78 -5.66
C9 FMN M . 12.82 -0.66 -7.70
C9A FMN M . 12.63 -0.23 -8.99
N10 FMN M . 11.45 -0.55 -9.70
C10 FMN M . 11.35 -0.31 -11.04
C1' FMN M . 10.40 -1.36 -9.07
C2' FMN M . 10.79 -2.82 -9.00
O2' FMN M . 10.84 -3.31 -10.32
C3' FMN M . 9.77 -3.61 -8.27
O3' FMN M . 8.51 -3.50 -8.96
C4' FMN M . 9.57 -3.15 -6.81
O4' FMN M . 10.86 -2.88 -6.20
C5' FMN M . 8.87 -4.27 -5.97
O5' FMN M . 9.55 -5.51 -5.92
P FMN M . 10.44 -5.92 -4.63
O1P FMN M . 11.10 -7.24 -4.97
O2P FMN M . 9.50 -5.98 -3.49
O3P FMN M . 11.47 -4.81 -4.46
CO NCO N . 25.29 -5.25 -2.29
N1 NCO N . 26.81 -5.54 -3.66
N2 NCO N . 23.79 -4.91 -0.87
N3 NCO N . 24.28 -4.11 -3.60
N4 NCO N . 24.23 -6.89 -2.97
N5 NCO N . 26.34 -6.38 -1.01
N6 NCO N . 26.38 -3.57 -1.57
OAA W7H O . -14.17 -4.50 7.63
OAA W7H O . -14.15 -4.50 7.83
CAP W7H O . -14.34 -3.50 8.41
CAP W7H O . -14.33 -3.49 8.59
OAD W7H O . -15.22 -3.53 9.30
OAD W7H O . -15.23 -3.45 9.47
CAS W7H O . -13.42 -2.42 8.33
CAS W7H O . -13.41 -2.41 8.47
NAN W7H O . -12.05 -2.81 8.38
NAN W7H O . -12.04 -2.81 8.40
CAT W7H O . -11.06 -1.88 8.27
CAT W7H O . -11.05 -1.89 8.23
OAB W7H O . -9.88 -2.22 8.27
OAB W7H O . -9.88 -2.26 8.13
NAO W7H O . -11.41 -0.56 8.07
NAO W7H O . -11.37 -0.57 8.09
CAU W7H O . -12.77 -0.15 8.06
CAU W7H O . -12.71 -0.12 8.20
OAC W7H O . -12.91 1.07 7.90
OAC W7H O . -12.89 1.08 8.08
CAR W7H O . -13.79 -1.11 8.12
CAR W7H O . -13.73 -1.07 8.34
CAM W7H O . -15.22 -0.86 8.07
CAM W7H O . -15.09 -0.56 8.37
CAL W7H O . -15.48 -0.15 6.78
CAL W7H O . -15.16 0.06 7.01
CAQ W7H O . -16.81 -0.35 6.35
CAQ W7H O . -15.81 -0.77 6.23
CAK W7H O . -17.22 -1.60 5.87
CAK W7H O . -15.26 -1.92 5.76
CAW W7H O . -18.55 -1.76 5.48
CAW W7H O . -16.05 -2.77 5.00
CAI W7H O . -18.98 -3.00 5.00
CAI W7H O . -15.51 -3.91 4.47
CAF W7H O . -20.29 -3.16 4.60
CAF W7H O . -16.29 -4.78 3.70
CAE W7H O . -21.17 -2.10 4.70
CAE W7H O . -17.61 -4.48 3.46
CAH W7H O . -20.69 -0.89 5.15
CAH W7H O . -18.17 -3.31 3.97
CAV W7H O . -19.41 -0.69 5.55
CAV W7H O . -17.39 -2.47 4.75
CAJ W7H O . -19.04 0.56 6.02
CAJ W7H O . -17.96 -1.29 5.26
CAG W7H O . -17.70 0.73 6.40
CAG W7H O . -17.17 -0.44 6.01
C1 GOL P . -9.53 0.88 4.24
O1 GOL P . -8.52 1.55 3.45
C2 GOL P . -10.10 -0.39 3.65
O2 GOL P . -9.15 -1.51 3.80
C3 GOL P . -11.49 -0.59 4.28
O3 GOL P . -11.59 -1.87 4.87
C1 GOL Q . 0.87 23.28 10.40
O1 GOL Q . 0.22 22.78 11.60
C2 GOL Q . 2.40 23.05 10.37
O2 GOL Q . 3.06 24.24 10.80
C3 GOL Q . 3.06 22.61 9.03
O3 GOL Q . 2.17 22.22 7.98
C1 GOL R . -4.51 25.99 2.98
O1 GOL R . -3.38 25.65 2.11
C2 GOL R . -5.91 25.95 2.28
O2 GOL R . -5.69 26.34 0.91
C3 GOL R . -6.97 26.80 3.00
O3 GOL R . -8.34 26.86 2.46
C1 GOL S . -14.94 14.88 26.58
O1 GOL S . -16.27 15.42 26.61
C2 GOL S . -14.00 15.16 27.74
O2 GOL S . -14.63 15.91 28.78
C3 GOL S . -13.65 13.77 28.21
O3 GOL S . -12.56 13.67 29.06
C1 GOL T . -0.30 -17.28 6.58
O1 GOL T . -0.31 -18.37 7.54
C2 GOL T . 1.11 -16.72 6.25
O2 GOL T . 2.05 -17.60 6.83
C3 GOL T . 1.36 -15.26 6.60
O3 GOL T . 2.75 -14.84 6.57
C1 GOL U . -4.60 -20.78 6.98
O1 GOL U . -5.12 -20.02 8.08
C2 GOL U . -5.63 -21.31 5.93
O2 GOL U . -7.05 -21.03 6.08
C3 GOL U . -5.48 -22.83 5.84
O3 GOL U . -6.50 -23.62 6.48
C1 GOL V . -11.81 -8.97 16.98
O1 GOL V . -12.87 -8.04 16.69
C2 GOL V . -11.83 -9.98 15.85
O2 GOL V . -13.15 -10.54 15.75
C3 GOL V . -10.82 -11.06 16.09
O3 GOL V . -11.15 -12.21 15.30
C1 GOL W . -10.96 14.13 31.93
O1 GOL W . -11.96 15.09 31.58
C2 GOL W . -9.78 14.34 31.04
O2 GOL W . -10.27 14.47 29.64
C3 GOL W . -8.85 13.17 31.38
O3 GOL W . -7.60 13.31 30.69
C1 GOL X . -13.61 -12.98 -8.76
O1 GOL X . -12.73 -12.21 -7.96
C2 GOL X . -14.06 -12.03 -9.86
O2 GOL X . -14.58 -10.81 -9.29
C3 GOL X . -12.86 -11.70 -10.74
O3 GOL X . -12.93 -12.34 -12.02
C1 GOL Y . -1.54 25.23 14.64
O1 GOL Y . -1.82 23.82 14.72
C2 GOL Y . -0.14 25.53 14.10
O2 GOL Y . 0.62 26.24 15.11
C3 GOL Y . -0.25 26.37 12.84
O3 GOL Y . -1.42 27.21 12.95
C1 GOL Z . -17.67 -14.67 2.67
O1 GOL Z . -18.18 -15.94 2.33
C2 GOL Z . -18.35 -13.50 1.96
O2 GOL Z . -18.47 -12.39 2.84
C3 GOL Z . -17.62 -13.05 0.66
O3 GOL Z . -17.34 -11.65 0.69
N1 FMN AA . -11.06 1.57 10.82
C2 FMN AA . -12.21 2.28 11.02
O2 FMN AA . -12.12 3.48 10.82
N3 FMN AA . -13.41 1.77 11.44
C4 FMN AA . -13.58 0.51 11.74
O4 FMN AA . -14.67 0.02 12.17
C4A FMN AA . -12.40 -0.37 11.58
N5 FMN AA . -12.48 -1.68 11.89
C5A FMN AA . -11.33 -2.41 12.01
C6 FMN AA . -11.38 -3.70 12.48
C7 FMN AA . -10.23 -4.45 12.56
C7M FMN AA . -10.27 -5.85 13.11
C8 FMN AA . -8.97 -3.91 12.17
C8M FMN AA . -7.71 -4.70 12.24
C9 FMN AA . -8.93 -2.59 11.73
C9A FMN AA . -10.06 -1.83 11.61
N10 FMN AA . -10.04 -0.55 11.12
C10 FMN AA . -11.15 0.27 11.17
C1' FMN AA . -8.82 0.11 10.70
C2' FMN AA . -7.96 0.54 11.88
O2' FMN AA . -8.66 1.58 12.60
C3' FMN AA . -6.59 1.03 11.49
O3' FMN AA . -6.84 2.19 10.64
C4' FMN AA . -5.76 -0.01 10.73
O4' FMN AA . -5.86 -1.28 11.36
C5' FMN AA . -4.29 0.42 10.59
O5' FMN AA . -3.73 0.59 11.91
P FMN AA . -2.76 -0.58 12.54
O1P FMN AA . -2.42 -0.12 13.89
O2P FMN AA . -1.59 -0.67 11.65
O3P FMN AA . -3.55 -1.84 12.56
#